data_286D
# 
_entry.id   286D 
# 
_audit_conform.dict_name       mmcif_pdbx.dic 
_audit_conform.dict_version    5.389 
_audit_conform.dict_location   http://mmcif.pdb.org/dictionaries/ascii/mmcif_pdbx.dic 
# 
loop_
_database_2.database_id 
_database_2.database_code 
_database_2.pdbx_database_accession 
_database_2.pdbx_DOI 
PDB   286D         pdb_0000286d 10.2210/pdb286d/pdb 
RCSB  BDJB77       ?            ?                   
WWPDB D_1000177698 ?            ?                   
# 
loop_
_pdbx_audit_revision_history.ordinal 
_pdbx_audit_revision_history.data_content_type 
_pdbx_audit_revision_history.major_revision 
_pdbx_audit_revision_history.minor_revision 
_pdbx_audit_revision_history.revision_date 
1 'Structure model' 1 0 1997-05-08 
2 'Structure model' 1 1 2008-05-22 
3 'Structure model' 1 2 2011-07-13 
4 'Structure model' 1 3 2024-02-14 
5 'Structure model' 1 4 2024-04-03 
# 
_pdbx_audit_revision_details.ordinal             1 
_pdbx_audit_revision_details.revision_ordinal    1 
_pdbx_audit_revision_details.data_content_type   'Structure model' 
_pdbx_audit_revision_details.provider            repository 
_pdbx_audit_revision_details.type                'Initial release' 
_pdbx_audit_revision_details.description         ? 
_pdbx_audit_revision_details.details             ? 
# 
loop_
_pdbx_audit_revision_group.ordinal 
_pdbx_audit_revision_group.revision_ordinal 
_pdbx_audit_revision_group.data_content_type 
_pdbx_audit_revision_group.group 
1 2 'Structure model' 'Version format compliance' 
2 3 'Structure model' 'Version format compliance' 
3 4 'Structure model' 'Data collection'           
4 4 'Structure model' 'Database references'       
5 5 'Structure model' 'Refinement description'    
# 
loop_
_pdbx_audit_revision_category.ordinal 
_pdbx_audit_revision_category.revision_ordinal 
_pdbx_audit_revision_category.data_content_type 
_pdbx_audit_revision_category.category 
1 4 'Structure model' chem_comp_atom                
2 4 'Structure model' chem_comp_bond                
3 4 'Structure model' database_2                    
4 5 'Structure model' pdbx_initial_refinement_model 
# 
loop_
_pdbx_audit_revision_item.ordinal 
_pdbx_audit_revision_item.revision_ordinal 
_pdbx_audit_revision_item.data_content_type 
_pdbx_audit_revision_item.item 
1 4 'Structure model' '_database_2.pdbx_DOI'                
2 4 'Structure model' '_database_2.pdbx_database_accession' 
# 
_pdbx_database_status.status_code                     REL 
_pdbx_database_status.entry_id                        286D 
_pdbx_database_status.recvd_initial_deposition_date   1996-09-16 
_pdbx_database_status.deposit_site                    NDB 
_pdbx_database_status.process_site                    NDB 
_pdbx_database_status.status_code_sf                  REL 
_pdbx_database_status.status_code_mr                  ? 
_pdbx_database_status.SG_entry                        ? 
_pdbx_database_status.pdb_format_compatible           Y 
_pdbx_database_status.status_code_cs                  ? 
_pdbx_database_status.status_code_nmr_data            ? 
_pdbx_database_status.methods_development_category    ? 
# 
loop_
_audit_author.name 
_audit_author.pdbx_ordinal 
'Shatzky-Schwartz, M.' 1 
'Shakked, Z.'          2 
'Luisi, B.F.'          3 
# 
_citation.id                        primary 
_citation.title                     
'X-ray and solution studies of DNA oligomers and implications for the structural basis of A-tract-dependent curvature.' 
_citation.journal_abbrev            J.Mol.Biol. 
_citation.journal_volume            267 
_citation.page_first                595 
_citation.page_last                 623 
_citation.year                      1997 
_citation.journal_id_ASTM           JMOBAK 
_citation.country                   UK 
_citation.journal_id_ISSN           0022-2836 
_citation.journal_id_CSD            0070 
_citation.book_publisher            ? 
_citation.pdbx_database_id_PubMed   9126841 
_citation.pdbx_database_id_DOI      10.1006/jmbi.1996.0878 
# 
loop_
_citation_author.citation_id 
_citation_author.name 
_citation_author.ordinal 
_citation_author.identifier_ORCID 
primary 'Shatzky-Schwartz, M.' 1 ? 
primary 'Arbuckle, N.D.'       2 ? 
primary 'Eisenstein, M.'       3 ? 
primary 'Rabinovich, D.'       4 ? 
primary 'Bareket-Samish, A.'   5 ? 
primary 'Haran, T.E.'          6 ? 
primary 'Luisi, B.F.'          7 ? 
primary 'Shakked, Z.'          8 ? 
# 
loop_
_entity.id 
_entity.type 
_entity.src_method 
_entity.pdbx_description 
_entity.formula_weight 
_entity.pdbx_number_of_molecules 
_entity.pdbx_ec 
_entity.pdbx_mutation 
_entity.pdbx_fragment 
_entity.details 
1 polymer syn 
;DNA (5'-D(*CP*CP*IP*IP*IP*CP*CP*CP*GP*G)-3')
;
3001.938 2  ? ? ? ? 
2 water   nat water                                          18.015   67 ? ? ? ? 
# 
_entity_poly.entity_id                      1 
_entity_poly.type                           polydeoxyribonucleotide 
_entity_poly.nstd_linkage                   no 
_entity_poly.nstd_monomer                   no 
_entity_poly.pdbx_seq_one_letter_code       '(DC)(DC)(DI)(DI)(DI)(DC)(DC)(DC)(DG)(DG)' 
_entity_poly.pdbx_seq_one_letter_code_can   CCIIICCCGG 
_entity_poly.pdbx_strand_id                 A,B 
_entity_poly.pdbx_target_identifier         ? 
# 
_pdbx_entity_nonpoly.entity_id   2 
_pdbx_entity_nonpoly.name        water 
_pdbx_entity_nonpoly.comp_id     HOH 
# 
loop_
_entity_poly_seq.entity_id 
_entity_poly_seq.num 
_entity_poly_seq.mon_id 
_entity_poly_seq.hetero 
1 1  DC n 
1 2  DC n 
1 3  DI n 
1 4  DI n 
1 5  DI n 
1 6  DC n 
1 7  DC n 
1 8  DC n 
1 9  DG n 
1 10 DG n 
# 
loop_
_chem_comp.id 
_chem_comp.type 
_chem_comp.mon_nstd_flag 
_chem_comp.name 
_chem_comp.pdbx_synonyms 
_chem_comp.formula 
_chem_comp.formula_weight 
DC  'DNA linking' y "2'-DEOXYCYTIDINE-5'-MONOPHOSPHATE"  ? 'C9 H14 N3 O7 P'  307.197 
DG  'DNA linking' y "2'-DEOXYGUANOSINE-5'-MONOPHOSPHATE" ? 'C10 H14 N5 O7 P' 347.221 
DI  'DNA linking' y "2'-DEOXYINOSINE-5'-MONOPHOSPHATE"   ? 'C10 H13 N4 O7 P' 332.207 
HOH non-polymer   . WATER                                ? 'H2 O'            18.015  
# 
loop_
_pdbx_poly_seq_scheme.asym_id 
_pdbx_poly_seq_scheme.entity_id 
_pdbx_poly_seq_scheme.seq_id 
_pdbx_poly_seq_scheme.mon_id 
_pdbx_poly_seq_scheme.ndb_seq_num 
_pdbx_poly_seq_scheme.pdb_seq_num 
_pdbx_poly_seq_scheme.auth_seq_num 
_pdbx_poly_seq_scheme.pdb_mon_id 
_pdbx_poly_seq_scheme.auth_mon_id 
_pdbx_poly_seq_scheme.pdb_strand_id 
_pdbx_poly_seq_scheme.pdb_ins_code 
_pdbx_poly_seq_scheme.hetero 
A 1 1  DC 1  1  1  DC C A . n 
A 1 2  DC 2  2  2  DC C A . n 
A 1 3  DI 3  3  3  DI I A . n 
A 1 4  DI 4  4  4  DI I A . n 
A 1 5  DI 5  5  5  DI I A . n 
A 1 6  DC 6  6  6  DC C A . n 
A 1 7  DC 7  7  7  DC C A . n 
A 1 8  DC 8  8  8  DC C A . n 
A 1 9  DG 9  9  9  DG G A . n 
A 1 10 DG 10 10 10 DG G A . n 
B 1 1  DC 1  11 11 DC C B . n 
B 1 2  DC 2  12 12 DC C B . n 
B 1 3  DI 3  13 13 DI I B . n 
B 1 4  DI 4  14 14 DI I B . n 
B 1 5  DI 5  15 15 DI I B . n 
B 1 6  DC 6  16 16 DC C B . n 
B 1 7  DC 7  17 17 DC C B . n 
B 1 8  DC 8  18 18 DC C B . n 
B 1 9  DG 9  19 19 DG G B . n 
B 1 10 DG 10 20 20 DG G B . n 
# 
loop_
_pdbx_nonpoly_scheme.asym_id 
_pdbx_nonpoly_scheme.entity_id 
_pdbx_nonpoly_scheme.mon_id 
_pdbx_nonpoly_scheme.ndb_seq_num 
_pdbx_nonpoly_scheme.pdb_seq_num 
_pdbx_nonpoly_scheme.auth_seq_num 
_pdbx_nonpoly_scheme.pdb_mon_id 
_pdbx_nonpoly_scheme.auth_mon_id 
_pdbx_nonpoly_scheme.pdb_strand_id 
_pdbx_nonpoly_scheme.pdb_ins_code 
C 2 HOH 1  21 21 HOH HOH A . 
C 2 HOH 2  22 22 HOH HOH A . 
C 2 HOH 3  27 27 HOH HOH A . 
C 2 HOH 4  30 30 HOH HOH A . 
C 2 HOH 5  37 37 HOH HOH A . 
C 2 HOH 6  39 39 HOH HOH A . 
C 2 HOH 7  40 40 HOH HOH A . 
C 2 HOH 8  41 41 HOH HOH A . 
C 2 HOH 9  43 43 HOH HOH A . 
C 2 HOH 10 44 44 HOH HOH A . 
C 2 HOH 11 45 45 HOH HOH A . 
C 2 HOH 12 47 47 HOH HOH A . 
C 2 HOH 13 48 48 HOH HOH A . 
C 2 HOH 14 50 50 HOH HOH A . 
C 2 HOH 15 52 52 HOH HOH A . 
C 2 HOH 16 57 57 HOH HOH A . 
C 2 HOH 17 58 58 HOH HOH A . 
C 2 HOH 18 63 63 HOH HOH A . 
C 2 HOH 19 65 65 HOH HOH A . 
C 2 HOH 20 67 67 HOH HOH A . 
C 2 HOH 21 68 68 HOH HOH A . 
C 2 HOH 22 69 69 HOH HOH A . 
C 2 HOH 23 70 70 HOH HOH A . 
C 2 HOH 24 72 72 HOH HOH A . 
C 2 HOH 25 73 73 HOH HOH A . 
C 2 HOH 26 77 77 HOH HOH A . 
C 2 HOH 27 78 78 HOH HOH A . 
C 2 HOH 28 81 81 HOH HOH A . 
C 2 HOH 29 83 83 HOH HOH A . 
C 2 HOH 30 87 87 HOH HOH A . 
D 2 HOH 1  23 23 HOH HOH B . 
D 2 HOH 2  24 24 HOH HOH B . 
D 2 HOH 3  25 25 HOH HOH B . 
D 2 HOH 4  26 26 HOH HOH B . 
D 2 HOH 5  28 28 HOH HOH B . 
D 2 HOH 6  29 29 HOH HOH B . 
D 2 HOH 7  31 31 HOH HOH B . 
D 2 HOH 8  32 32 HOH HOH B . 
D 2 HOH 9  33 33 HOH HOH B . 
D 2 HOH 10 34 34 HOH HOH B . 
D 2 HOH 11 35 35 HOH HOH B . 
D 2 HOH 12 36 36 HOH HOH B . 
D 2 HOH 13 38 38 HOH HOH B . 
D 2 HOH 14 42 42 HOH HOH B . 
D 2 HOH 15 46 46 HOH HOH B . 
D 2 HOH 16 49 49 HOH HOH B . 
D 2 HOH 17 51 51 HOH HOH B . 
D 2 HOH 18 53 53 HOH HOH B . 
D 2 HOH 19 54 54 HOH HOH B . 
D 2 HOH 20 55 55 HOH HOH B . 
D 2 HOH 21 56 56 HOH HOH B . 
D 2 HOH 22 59 59 HOH HOH B . 
D 2 HOH 23 60 60 HOH HOH B . 
D 2 HOH 24 61 61 HOH HOH B . 
D 2 HOH 25 62 62 HOH HOH B . 
D 2 HOH 26 64 64 HOH HOH B . 
D 2 HOH 27 66 66 HOH HOH B . 
D 2 HOH 28 71 71 HOH HOH B . 
D 2 HOH 29 74 74 HOH HOH B . 
D 2 HOH 30 75 75 HOH HOH B . 
D 2 HOH 31 76 76 HOH HOH B . 
D 2 HOH 32 79 79 HOH HOH B . 
D 2 HOH 33 80 80 HOH HOH B . 
D 2 HOH 34 82 82 HOH HOH B . 
D 2 HOH 35 84 84 HOH HOH B . 
D 2 HOH 36 85 85 HOH HOH B . 
D 2 HOH 37 86 86 HOH HOH B . 
# 
loop_
_software.name 
_software.classification 
_software.version 
_software.citation_id 
_software.pdbx_ordinal 
NUCLSQ refinement       . ? 1 
XDS    'data reduction' . ? 2 
ULTIMA 'data scaling'   . ? 3 
# 
_cell.entry_id           286D 
_cell.length_a           33.240 
_cell.length_b           33.240 
_cell.length_c           45.410 
_cell.angle_alpha        90.00 
_cell.angle_beta         90.00 
_cell.angle_gamma        120.00 
_cell.Z_PDB              6 
_cell.pdbx_unique_axis   ? 
# 
_symmetry.entry_id                         286D 
_symmetry.space_group_name_H-M             'P 31' 
_symmetry.pdbx_full_space_group_name_H-M   ? 
_symmetry.cell_setting                     ? 
_symmetry.Int_Tables_number                144 
# 
_exptl.entry_id          286D 
_exptl.method            'X-RAY DIFFRACTION' 
_exptl.crystals_number   1 
# 
_exptl_crystal.id                    1 
_exptl_crystal.density_meas          ? 
_exptl_crystal.density_Matthews      2.41 
_exptl_crystal.density_percent_sol   49.01 
_exptl_crystal.description           ? 
# 
_exptl_crystal_grow.crystal_id      1 
_exptl_crystal_grow.method          'VAPOR DIFFUSION, HANGING DROP' 
_exptl_crystal_grow.temp            277.00 
_exptl_crystal_grow.temp_details    ? 
_exptl_crystal_grow.pH              7.00 
_exptl_crystal_grow.pdbx_details    'pH 7.00, VAPOR DIFFUSION, HANGING DROP, temperature 277.00K' 
_exptl_crystal_grow.pdbx_pH_range   ? 
# 
loop_
_exptl_crystal_grow_comp.crystal_id 
_exptl_crystal_grow_comp.id 
_exptl_crystal_grow_comp.sol_id 
_exptl_crystal_grow_comp.name 
_exptl_crystal_grow_comp.volume 
_exptl_crystal_grow_comp.conc 
_exptl_crystal_grow_comp.details 
1 1 1 WATER           ? ? ? 
1 2 1 MPD             ? ? ? 
1 3 1 MGCL2           ? ? ? 
1 4 1 SPERMINE_HCL    ? ? ? 
1 5 1 'NA CACODYLATE' ? ? ? 
1 6 2 WATER           ? ? ? 
1 7 2 MPD             ? ? ? 
# 
_diffrn.id                     1 
_diffrn.ambient_temp           120.00 
_diffrn.ambient_temp_details   ? 
_diffrn.crystal_id             1 
# 
_diffrn_detector.diffrn_id              1 
_diffrn_detector.detector               'AREA DETECTOR' 
_diffrn_detector.type                   XENTRONICS 
_diffrn_detector.pdbx_collection_date   1993-08-01 
_diffrn_detector.details                ? 
# 
_diffrn_radiation.diffrn_id                        1 
_diffrn_radiation.wavelength_id                    1 
_diffrn_radiation.pdbx_monochromatic_or_laue_m_l   M 
_diffrn_radiation.monochromator                    ? 
_diffrn_radiation.pdbx_diffrn_protocol             ? 
_diffrn_radiation.pdbx_scattering_type             x-ray 
# 
_diffrn_radiation_wavelength.id           1 
_diffrn_radiation_wavelength.wavelength   . 
_diffrn_radiation_wavelength.wt           1.0 
# 
_diffrn_source.diffrn_id                   1 
_diffrn_source.source                      'ROTATING ANODE' 
_diffrn_source.type                        ? 
_diffrn_source.pdbx_synchrotron_site       ? 
_diffrn_source.pdbx_synchrotron_beamline   ? 
_diffrn_source.pdbx_wavelength             ? 
_diffrn_source.pdbx_wavelength_list        ? 
# 
_reflns.entry_id                     286D 
_reflns.observed_criterion_sigma_I   0.000 
_reflns.observed_criterion_sigma_F   ? 
_reflns.d_resolution_low             ? 
_reflns.d_resolution_high            2.500 
_reflns.number_obs                   1877 
_reflns.number_all                   ? 
_reflns.percent_possible_obs         96.900 
_reflns.pdbx_Rmerge_I_obs            0.0430000 
_reflns.pdbx_Rsym_value              ? 
_reflns.pdbx_netI_over_sigmaI        ? 
_reflns.B_iso_Wilson_estimate        ? 
_reflns.pdbx_redundancy              5.500 
_reflns.pdbx_diffrn_id               1 
_reflns.pdbx_ordinal                 1 
# 
_refine.entry_id                                 286D 
_refine.ls_number_reflns_obs                     1827 
_refine.ls_number_reflns_all                     ? 
_refine.pdbx_ls_sigma_I                          ? 
_refine.pdbx_ls_sigma_F                          2.000 
_refine.pdbx_data_cutoff_high_absF               ? 
_refine.pdbx_data_cutoff_low_absF                ? 
_refine.pdbx_data_cutoff_high_rms_absF           ? 
_refine.ls_d_res_low                             8.000 
_refine.ls_d_res_high                            2.500 
_refine.ls_percent_reflns_obs                    ? 
_refine.ls_R_factor_obs                          0.2030000 
_refine.ls_R_factor_all                          ? 
_refine.ls_R_factor_R_work                       ? 
_refine.ls_R_factor_R_free                       ? 
_refine.ls_R_factor_R_free_error                 ? 
_refine.ls_R_factor_R_free_error_details         ? 
_refine.ls_percent_reflns_R_free                 ? 
_refine.ls_number_reflns_R_free                  ? 
_refine.ls_number_parameters                     ? 
_refine.ls_number_restraints                     ? 
_refine.occupancy_min                            ? 
_refine.occupancy_max                            ? 
_refine.B_iso_mean                               15.00 
_refine.aniso_B[1][1]                            ? 
_refine.aniso_B[2][2]                            ? 
_refine.aniso_B[3][3]                            ? 
_refine.aniso_B[1][2]                            ? 
_refine.aniso_B[1][3]                            ? 
_refine.aniso_B[2][3]                            ? 
_refine.solvent_model_details                    ? 
_refine.solvent_model_param_ksol                 ? 
_refine.solvent_model_param_bsol                 ? 
_refine.pdbx_ls_cross_valid_method               ? 
_refine.details                                  ? 
_refine.pdbx_starting_model                      'B-DNA ORIENTED FIBER' 
_refine.pdbx_method_to_determine_struct          'MOLECULAR REPLACEMENT' 
_refine.pdbx_isotropic_thermal_model             ? 
_refine.pdbx_stereochemistry_target_values       ? 
_refine.pdbx_stereochem_target_val_spec_case     ? 
_refine.pdbx_R_Free_selection_details            ? 
_refine.pdbx_overall_ESU_R                       ? 
_refine.pdbx_overall_ESU_R_Free                  ? 
_refine.overall_SU_ML                            ? 
_refine.overall_SU_B                             ? 
_refine.pdbx_refine_id                           'X-RAY DIFFRACTION' 
_refine.pdbx_diffrn_id                           1 
_refine.pdbx_TLS_residual_ADP_flag               ? 
_refine.correlation_coeff_Fo_to_Fc               ? 
_refine.correlation_coeff_Fo_to_Fc_free          ? 
_refine.pdbx_solvent_vdw_probe_radii             ? 
_refine.pdbx_solvent_ion_probe_radii             ? 
_refine.pdbx_solvent_shrinkage_radii             ? 
_refine.pdbx_overall_phase_error                 ? 
_refine.overall_SU_R_Cruickshank_DPI             ? 
_refine.pdbx_overall_SU_R_free_Cruickshank_DPI   ? 
_refine.pdbx_overall_SU_R_Blow_DPI               ? 
_refine.pdbx_overall_SU_R_free_Blow_DPI          ? 
# 
_refine_hist.pdbx_refine_id                   'X-RAY DIFFRACTION' 
_refine_hist.cycle_id                         LAST 
_refine_hist.pdbx_number_atoms_protein        0 
_refine_hist.pdbx_number_atoms_nucleic_acid   398 
_refine_hist.pdbx_number_atoms_ligand         0 
_refine_hist.number_atoms_solvent             67 
_refine_hist.number_atoms_total               465 
_refine_hist.d_res_high                       2.500 
_refine_hist.d_res_low                        8.000 
# 
loop_
_refine_ls_restr.type 
_refine_ls_restr.dev_ideal 
_refine_ls_restr.dev_ideal_target 
_refine_ls_restr.weight 
_refine_ls_restr.number 
_refine_ls_restr.pdbx_refine_id 
_refine_ls_restr.pdbx_restraint_function 
n_bond_d               ?     ?     ? ? 'X-RAY DIFFRACTION' ? 
n_angle_d              ?     ?     ? ? 'X-RAY DIFFRACTION' ? 
n_planar_d             ?     ?     ? ? 'X-RAY DIFFRACTION' ? 
n_hb_or_metal_coord    ?     ?     ? ? 'X-RAY DIFFRACTION' ? 
n_sugar_bond_it        ?     ?     ? ? 'X-RAY DIFFRACTION' ? 
n_sugar_angle_it       ?     ?     ? ? 'X-RAY DIFFRACTION' ? 
n_phos_bond_it         ?     ?     ? ? 'X-RAY DIFFRACTION' ? 
n_phos_angle_it        ?     ?     ? ? 'X-RAY DIFFRACTION' ? 
n_bond_angle_restr     ?     ?     ? ? 'X-RAY DIFFRACTION' ? 
n_dihedral_angle_restr ?     ?     ? ? 'X-RAY DIFFRACTION' ? 
n_impr_tor             ?     ?     ? ? 'X-RAY DIFFRACTION' ? 
n_sugar_bond_d         0.010 0.030 ? ? 'X-RAY DIFFRACTION' ? 
n_sugar_bond_angle_d   0.034 0.060 ? ? 'X-RAY DIFFRACTION' ? 
n_phos_bond_d          0.037 0.050 ? ? 'X-RAY DIFFRACTION' ? 
n_phos_bond_angle_d    0.070 0.100 ? ? 'X-RAY DIFFRACTION' ? 
n_plane_restr          0.033 0.060 ? ? 'X-RAY DIFFRACTION' ? 
n_chiral_restr         0.189 0.400 ? ? 'X-RAY DIFFRACTION' ? 
n_singtor_nbd          0.068 0.100 ? ? 'X-RAY DIFFRACTION' ? 
n_multtor_nbd          0.068 0.100 ? ? 'X-RAY DIFFRACTION' ? 
n_xhyhbond_nbd         0.085 0.100 ? ? 'X-RAY DIFFRACTION' ? 
# 
_struct.entry_id                  286D 
_struct.title                     
'X-RAY AND SOLUTION STUDIES OF DNA OLIGOMERS AND IMPLICATIONS FOR THE STRUCTURAL BASIS OF A-TRACT-DEPENDENT CURVATURE' 
_struct.pdbx_model_details        ? 
_struct.pdbx_CASP_flag            ? 
_struct.pdbx_model_type_details   ? 
# 
_struct_keywords.entry_id        286D 
_struct_keywords.pdbx_keywords   DNA 
_struct_keywords.text            'B-DNA, DOUBLE HELIX, MODIFIED, DNA' 
# 
loop_
_struct_asym.id 
_struct_asym.pdbx_blank_PDB_chainid_flag 
_struct_asym.pdbx_modified 
_struct_asym.entity_id 
_struct_asym.details 
A N N 1 ? 
B N N 1 ? 
C N N 2 ? 
D N N 2 ? 
# 
_struct_ref.id                         1 
_struct_ref.entity_id                  1 
_struct_ref.db_name                    PDB 
_struct_ref.db_code                    286D 
_struct_ref.pdbx_db_accession          286D 
_struct_ref.pdbx_db_isoform            ? 
_struct_ref.pdbx_seq_one_letter_code   ? 
_struct_ref.pdbx_align_begin           ? 
# 
loop_
_struct_ref_seq.align_id 
_struct_ref_seq.ref_id 
_struct_ref_seq.pdbx_PDB_id_code 
_struct_ref_seq.pdbx_strand_id 
_struct_ref_seq.seq_align_beg 
_struct_ref_seq.pdbx_seq_align_beg_ins_code 
_struct_ref_seq.seq_align_end 
_struct_ref_seq.pdbx_seq_align_end_ins_code 
_struct_ref_seq.pdbx_db_accession 
_struct_ref_seq.db_align_beg 
_struct_ref_seq.pdbx_db_align_beg_ins_code 
_struct_ref_seq.db_align_end 
_struct_ref_seq.pdbx_db_align_end_ins_code 
_struct_ref_seq.pdbx_auth_seq_align_beg 
_struct_ref_seq.pdbx_auth_seq_align_end 
1 1 286D A 1 ? 10 ? 286D 1  ? 10 ? 1  10 
2 1 286D B 1 ? 10 ? 286D 11 ? 20 ? 11 20 
# 
_pdbx_struct_assembly.id                   1 
_pdbx_struct_assembly.details              author_defined_assembly 
_pdbx_struct_assembly.method_details       ? 
_pdbx_struct_assembly.oligomeric_details   dimeric 
_pdbx_struct_assembly.oligomeric_count     2 
# 
_pdbx_struct_assembly_gen.assembly_id       1 
_pdbx_struct_assembly_gen.oper_expression   1 
_pdbx_struct_assembly_gen.asym_id_list      A,B,C,D 
# 
_pdbx_struct_oper_list.id                   1 
_pdbx_struct_oper_list.type                 'identity operation' 
_pdbx_struct_oper_list.name                 1_555 
_pdbx_struct_oper_list.symmetry_operation   x,y,z 
_pdbx_struct_oper_list.matrix[1][1]         1.0000000000 
_pdbx_struct_oper_list.matrix[1][2]         0.0000000000 
_pdbx_struct_oper_list.matrix[1][3]         0.0000000000 
_pdbx_struct_oper_list.vector[1]            0.0000000000 
_pdbx_struct_oper_list.matrix[2][1]         0.0000000000 
_pdbx_struct_oper_list.matrix[2][2]         1.0000000000 
_pdbx_struct_oper_list.matrix[2][3]         0.0000000000 
_pdbx_struct_oper_list.vector[2]            0.0000000000 
_pdbx_struct_oper_list.matrix[3][1]         0.0000000000 
_pdbx_struct_oper_list.matrix[3][2]         0.0000000000 
_pdbx_struct_oper_list.matrix[3][3]         1.0000000000 
_pdbx_struct_oper_list.vector[3]            0.0000000000 
# 
_struct_biol.id   1 
# 
loop_
_struct_conn.id 
_struct_conn.conn_type_id 
_struct_conn.pdbx_leaving_atom_flag 
_struct_conn.pdbx_PDB_id 
_struct_conn.ptnr1_label_asym_id 
_struct_conn.ptnr1_label_comp_id 
_struct_conn.ptnr1_label_seq_id 
_struct_conn.ptnr1_label_atom_id 
_struct_conn.pdbx_ptnr1_label_alt_id 
_struct_conn.pdbx_ptnr1_PDB_ins_code 
_struct_conn.pdbx_ptnr1_standard_comp_id 
_struct_conn.ptnr1_symmetry 
_struct_conn.ptnr2_label_asym_id 
_struct_conn.ptnr2_label_comp_id 
_struct_conn.ptnr2_label_seq_id 
_struct_conn.ptnr2_label_atom_id 
_struct_conn.pdbx_ptnr2_label_alt_id 
_struct_conn.pdbx_ptnr2_PDB_ins_code 
_struct_conn.ptnr1_auth_asym_id 
_struct_conn.ptnr1_auth_comp_id 
_struct_conn.ptnr1_auth_seq_id 
_struct_conn.ptnr2_auth_asym_id 
_struct_conn.ptnr2_auth_comp_id 
_struct_conn.ptnr2_auth_seq_id 
_struct_conn.ptnr2_symmetry 
_struct_conn.pdbx_ptnr3_label_atom_id 
_struct_conn.pdbx_ptnr3_label_seq_id 
_struct_conn.pdbx_ptnr3_label_comp_id 
_struct_conn.pdbx_ptnr3_label_asym_id 
_struct_conn.pdbx_ptnr3_label_alt_id 
_struct_conn.pdbx_ptnr3_PDB_ins_code 
_struct_conn.details 
_struct_conn.pdbx_dist_value 
_struct_conn.pdbx_value_order 
_struct_conn.pdbx_role 
hydrog1  hydrog ? ? A DC 1  N3 ? ? ? 1_555 B DG 10 N1 ? ? A DC 1  B DG 20 1_555 ? ? ? ? ? ? WATSON-CRICK ? ? ? 
hydrog2  hydrog ? ? A DC 1  N4 ? ? ? 1_555 B DG 10 O6 ? ? A DC 1  B DG 20 1_555 ? ? ? ? ? ? WATSON-CRICK ? ? ? 
hydrog3  hydrog ? ? A DC 1  O2 ? ? ? 1_555 B DG 10 N2 ? ? A DC 1  B DG 20 1_555 ? ? ? ? ? ? WATSON-CRICK ? ? ? 
hydrog4  hydrog ? ? A DC 2  N3 ? ? ? 1_555 B DG 9  N1 ? ? A DC 2  B DG 19 1_555 ? ? ? ? ? ? WATSON-CRICK ? ? ? 
hydrog5  hydrog ? ? A DC 2  N4 ? ? ? 1_555 B DG 9  O6 ? ? A DC 2  B DG 19 1_555 ? ? ? ? ? ? WATSON-CRICK ? ? ? 
hydrog6  hydrog ? ? A DC 2  O2 ? ? ? 1_555 B DG 9  N2 ? ? A DC 2  B DG 19 1_555 ? ? ? ? ? ? WATSON-CRICK ? ? ? 
hydrog7  hydrog ? ? A DG 9  N1 ? ? ? 1_555 B DC 2  N3 ? ? A DG 9  B DC 12 1_555 ? ? ? ? ? ? WATSON-CRICK ? ? ? 
hydrog8  hydrog ? ? A DG 9  N2 ? ? ? 1_555 B DC 2  O2 ? ? A DG 9  B DC 12 1_555 ? ? ? ? ? ? WATSON-CRICK ? ? ? 
hydrog9  hydrog ? ? A DG 9  O6 ? ? ? 1_555 B DC 2  N4 ? ? A DG 9  B DC 12 1_555 ? ? ? ? ? ? WATSON-CRICK ? ? ? 
hydrog10 hydrog ? ? A DG 10 N1 ? ? ? 1_555 B DC 1  N3 ? ? A DG 10 B DC 11 1_555 ? ? ? ? ? ? WATSON-CRICK ? ? ? 
hydrog11 hydrog ? ? A DG 10 N2 ? ? ? 1_555 B DC 1  O2 ? ? A DG 10 B DC 11 1_555 ? ? ? ? ? ? WATSON-CRICK ? ? ? 
hydrog12 hydrog ? ? A DG 10 O6 ? ? ? 1_555 B DC 1  N4 ? ? A DG 10 B DC 11 1_555 ? ? ? ? ? ? WATSON-CRICK ? ? ? 
# 
_struct_conn_type.id          hydrog 
_struct_conn_type.criteria    ? 
_struct_conn_type.reference   ? 
# 
_pdbx_validate_close_contact.id               1 
_pdbx_validate_close_contact.PDB_model_num    1 
_pdbx_validate_close_contact.auth_atom_id_1   O 
_pdbx_validate_close_contact.auth_asym_id_1   A 
_pdbx_validate_close_contact.auth_comp_id_1   HOH 
_pdbx_validate_close_contact.auth_seq_id_1    22 
_pdbx_validate_close_contact.PDB_ins_code_1   ? 
_pdbx_validate_close_contact.label_alt_id_1   ? 
_pdbx_validate_close_contact.auth_atom_id_2   O 
_pdbx_validate_close_contact.auth_asym_id_2   B 
_pdbx_validate_close_contact.auth_comp_id_2   HOH 
_pdbx_validate_close_contact.auth_seq_id_2    24 
_pdbx_validate_close_contact.PDB_ins_code_2   ? 
_pdbx_validate_close_contact.label_alt_id_2   ? 
_pdbx_validate_close_contact.dist             2.07 
# 
loop_
_pdbx_validate_rmsd_bond.id 
_pdbx_validate_rmsd_bond.PDB_model_num 
_pdbx_validate_rmsd_bond.auth_atom_id_1 
_pdbx_validate_rmsd_bond.auth_asym_id_1 
_pdbx_validate_rmsd_bond.auth_comp_id_1 
_pdbx_validate_rmsd_bond.auth_seq_id_1 
_pdbx_validate_rmsd_bond.PDB_ins_code_1 
_pdbx_validate_rmsd_bond.label_alt_id_1 
_pdbx_validate_rmsd_bond.auth_atom_id_2 
_pdbx_validate_rmsd_bond.auth_asym_id_2 
_pdbx_validate_rmsd_bond.auth_comp_id_2 
_pdbx_validate_rmsd_bond.auth_seq_id_2 
_pdbx_validate_rmsd_bond.PDB_ins_code_2 
_pdbx_validate_rmsd_bond.label_alt_id_2 
_pdbx_validate_rmsd_bond.bond_value 
_pdbx_validate_rmsd_bond.bond_target_value 
_pdbx_validate_rmsd_bond.bond_deviation 
_pdbx_validate_rmsd_bond.bond_standard_deviation 
_pdbx_validate_rmsd_bond.linker_flag 
1 1 P     A DG 9  ? ? "O5'" A DG 9  ? ? 1.664 1.593 0.071 0.010 N 
2 1 P     B DC 12 ? ? "O5'" B DC 12 ? ? 1.716 1.593 0.123 0.010 N 
3 1 "O3'" B DI 13 ? ? P     B DI 14 ? ? 1.680 1.607 0.073 0.012 Y 
# 
loop_
_pdbx_validate_rmsd_angle.id 
_pdbx_validate_rmsd_angle.PDB_model_num 
_pdbx_validate_rmsd_angle.auth_atom_id_1 
_pdbx_validate_rmsd_angle.auth_asym_id_1 
_pdbx_validate_rmsd_angle.auth_comp_id_1 
_pdbx_validate_rmsd_angle.auth_seq_id_1 
_pdbx_validate_rmsd_angle.PDB_ins_code_1 
_pdbx_validate_rmsd_angle.label_alt_id_1 
_pdbx_validate_rmsd_angle.auth_atom_id_2 
_pdbx_validate_rmsd_angle.auth_asym_id_2 
_pdbx_validate_rmsd_angle.auth_comp_id_2 
_pdbx_validate_rmsd_angle.auth_seq_id_2 
_pdbx_validate_rmsd_angle.PDB_ins_code_2 
_pdbx_validate_rmsd_angle.label_alt_id_2 
_pdbx_validate_rmsd_angle.auth_atom_id_3 
_pdbx_validate_rmsd_angle.auth_asym_id_3 
_pdbx_validate_rmsd_angle.auth_comp_id_3 
_pdbx_validate_rmsd_angle.auth_seq_id_3 
_pdbx_validate_rmsd_angle.PDB_ins_code_3 
_pdbx_validate_rmsd_angle.label_alt_id_3 
_pdbx_validate_rmsd_angle.angle_value 
_pdbx_validate_rmsd_angle.angle_target_value 
_pdbx_validate_rmsd_angle.angle_deviation 
_pdbx_validate_rmsd_angle.angle_standard_deviation 
_pdbx_validate_rmsd_angle.linker_flag 
1  1 "O4'" A DC 1  ? ? "C1'" A DC 1  ? ? "C2'" A DC 1  ? ? 109.86 106.80 3.06   0.50 N 
2  1 "O4'" A DC 1  ? ? "C1'" A DC 1  ? ? N1    A DC 1  ? ? 113.07 108.30 4.77   0.30 N 
3  1 "C3'" A DC 1  ? ? "O3'" A DC 1  ? ? P     A DC 2  ? ? 111.78 119.70 -7.92  1.20 Y 
4  1 P     A DC 2  ? ? "O5'" A DC 2  ? ? "C5'" A DC 2  ? ? 140.68 120.90 19.78  1.60 N 
5  1 "O4'" A DC 2  ? ? "C1'" A DC 2  ? ? N1    A DC 2  ? ? 110.83 108.30 2.53   0.30 N 
6  1 C2    A DC 6  ? ? N3    A DC 6  ? ? C4    A DC 6  ? ? 124.32 119.90 4.42   0.50 N 
7  1 N3    A DC 6  ? ? C4    A DC 6  ? ? C5    A DC 6  ? ? 118.81 121.90 -3.09  0.40 N 
8  1 C5    A DC 6  ? ? C4    A DC 6  ? ? N4    A DC 6  ? ? 125.09 120.20 4.89   0.70 N 
9  1 "O5'" A DC 7  ? ? P     A DC 7  ? ? OP2   A DC 7  ? ? 124.18 110.70 13.48  1.20 N 
10 1 "O5'" A DC 8  ? ? P     A DC 8  ? ? OP2   A DC 8  ? ? 121.51 110.70 10.81  1.20 N 
11 1 "O4'" A DC 8  ? ? "C4'" A DC 8  ? ? "C3'" A DC 8  ? ? 100.09 104.50 -4.41  0.40 N 
12 1 "C1'" A DC 8  ? ? "O4'" A DC 8  ? ? "C4'" A DC 8  ? ? 102.70 110.10 -7.40  1.00 N 
13 1 "C3'" A DC 8  ? ? "O3'" A DC 8  ? ? P     A DG 9  ? ? 106.64 119.70 -13.06 1.20 Y 
14 1 "O3'" A DC 8  ? ? P     A DG 9  ? ? "O5'" A DG 9  ? ? 88.00  104.00 -16.00 1.90 Y 
15 1 "O3'" A DC 8  ? ? P     A DG 9  ? ? OP2   A DG 9  ? ? 118.27 110.50 7.77   1.10 Y 
16 1 "O5'" A DG 9  ? ? P     A DG 9  ? ? OP1   A DG 9  ? ? 123.49 110.70 12.79  1.20 N 
17 1 "O4'" A DG 9  ? ? "C1'" A DG 9  ? ? N9    A DG 9  ? ? 112.27 108.30 3.97   0.30 N 
18 1 C6    A DG 9  ? ? C5    A DG 9  ? ? N7    A DG 9  ? ? 126.57 130.40 -3.83  0.60 N 
19 1 N1    A DG 9  ? ? C6    A DG 9  ? ? O6    A DG 9  ? ? 126.55 119.90 6.65   0.60 N 
20 1 C5    A DG 9  ? ? C6    A DG 9  ? ? O6    A DG 9  ? ? 122.32 128.60 -6.28  0.60 N 
21 1 "O5'" A DG 10 ? ? P     A DG 10 ? ? OP2   A DG 10 ? ? 119.42 110.70 8.72   1.20 N 
22 1 "C5'" A DG 10 ? ? "C4'" A DG 10 ? ? "C3'" A DG 10 ? ? 123.39 115.70 7.69   1.20 N 
23 1 "O4'" A DG 10 ? ? "C1'" A DG 10 ? ? "C2'" A DG 10 ? ? 101.02 105.90 -4.88  0.80 N 
24 1 "C1'" B DC 11 ? ? "O4'" B DC 11 ? ? "C4'" B DC 11 ? ? 100.79 110.10 -9.31  1.00 N 
25 1 N1    B DC 11 ? ? "C1'" B DC 11 ? ? "C2'" B DC 11 ? ? 124.15 114.30 9.85   1.40 N 
26 1 N1    B DC 11 ? ? C2    B DC 11 ? ? O2    B DC 11 ? ? 114.59 118.90 -4.31  0.60 N 
27 1 "C3'" B DC 11 ? ? "O3'" B DC 11 ? ? P     B DC 12 ? ? 141.46 119.70 21.76  1.20 Y 
28 1 OP1   B DC 12 ? ? P     B DC 12 ? ? OP2   B DC 12 ? ? 130.22 119.60 10.62  1.50 N 
29 1 "C5'" B DC 12 ? ? "C4'" B DC 12 ? ? "O4'" B DC 12 ? ? 118.63 109.80 8.83   1.10 N 
30 1 "O4'" B DC 12 ? ? "C1'" B DC 12 ? ? N1    B DC 12 ? ? 114.88 108.30 6.58   0.30 N 
31 1 "O3'" B DC 12 ? ? P     B DI 13 ? ? OP1   B DI 13 ? ? 121.29 110.50 10.79  1.10 Y 
32 1 "C3'" B DI 14 ? ? "O3'" B DI 14 ? ? P     B DI 15 ? ? 129.53 119.70 9.83   1.20 Y 
33 1 "O3'" B DI 14 ? ? P     B DI 15 ? ? "O5'" B DI 15 ? ? 115.42 104.00 11.42  1.90 Y 
34 1 "O5'" B DI 15 ? ? P     B DI 15 ? ? OP2   B DI 15 ? ? 98.69  105.70 -7.01  0.90 N 
35 1 "O5'" B DC 16 ? ? P     B DC 16 ? ? OP2   B DC 16 ? ? 118.53 110.70 7.83   1.20 N 
36 1 "C5'" B DC 16 ? ? "C4'" B DC 16 ? ? "O4'" B DC 16 ? ? 116.58 109.80 6.78   1.10 N 
37 1 "O3'" B DC 16 ? ? P     B DC 17 ? ? "O5'" B DC 17 ? ? 86.80  104.00 -17.20 1.90 Y 
38 1 "O5'" B DC 17 ? ? P     B DC 17 ? ? OP2   B DC 17 ? ? 118.17 110.70 7.47   1.20 N 
39 1 "O5'" B DC 18 ? ? P     B DC 18 ? ? OP2   B DC 18 ? ? 119.07 110.70 8.37   1.20 N 
40 1 P     B DC 18 ? ? "O5'" B DC 18 ? ? "C5'" B DC 18 ? ? 108.89 120.90 -12.01 1.60 N 
41 1 "C3'" B DG 19 ? ? "C2'" B DG 19 ? ? "C1'" B DG 19 ? ? 96.89  102.40 -5.51  0.80 N 
42 1 "C3'" B DG 19 ? ? "O3'" B DG 19 ? ? P     B DG 20 ? ? 128.39 119.70 8.69   1.20 Y 
43 1 "O3'" B DG 19 ? ? P     B DG 20 ? ? OP1   B DG 20 ? ? 117.82 110.50 7.32   1.10 Y 
44 1 OP1   B DG 20 ? ? P     B DG 20 ? ? OP2   B DG 20 ? ? 109.85 119.60 -9.75  1.50 N 
# 
loop_
_refine_B_iso.class 
_refine_B_iso.details 
_refine_B_iso.treatment 
_refine_B_iso.pdbx_refine_id 
'ALL ATOMS'  TR isotropic 'X-RAY DIFFRACTION' 
'ALL WATERS' TR isotropic 'X-RAY DIFFRACTION' 
# 
loop_
_refine_occupancy.class 
_refine_occupancy.treatment 
_refine_occupancy.pdbx_refine_id 
'ALL ATOMS'  fix 'X-RAY DIFFRACTION' 
'ALL WATERS' fix 'X-RAY DIFFRACTION' 
# 
loop_
_chem_comp_atom.comp_id 
_chem_comp_atom.atom_id 
_chem_comp_atom.type_symbol 
_chem_comp_atom.pdbx_aromatic_flag 
_chem_comp_atom.pdbx_stereo_config 
_chem_comp_atom.pdbx_ordinal 
DC  OP3    O N N 1   
DC  P      P N N 2   
DC  OP1    O N N 3   
DC  OP2    O N N 4   
DC  "O5'"  O N N 5   
DC  "C5'"  C N N 6   
DC  "C4'"  C N R 7   
DC  "O4'"  O N N 8   
DC  "C3'"  C N S 9   
DC  "O3'"  O N N 10  
DC  "C2'"  C N N 11  
DC  "C1'"  C N R 12  
DC  N1     N N N 13  
DC  C2     C N N 14  
DC  O2     O N N 15  
DC  N3     N N N 16  
DC  C4     C N N 17  
DC  N4     N N N 18  
DC  C5     C N N 19  
DC  C6     C N N 20  
DC  HOP3   H N N 21  
DC  HOP2   H N N 22  
DC  "H5'"  H N N 23  
DC  "H5''" H N N 24  
DC  "H4'"  H N N 25  
DC  "H3'"  H N N 26  
DC  "HO3'" H N N 27  
DC  "H2'"  H N N 28  
DC  "H2''" H N N 29  
DC  "H1'"  H N N 30  
DC  H41    H N N 31  
DC  H42    H N N 32  
DC  H5     H N N 33  
DC  H6     H N N 34  
DG  OP3    O N N 35  
DG  P      P N N 36  
DG  OP1    O N N 37  
DG  OP2    O N N 38  
DG  "O5'"  O N N 39  
DG  "C5'"  C N N 40  
DG  "C4'"  C N R 41  
DG  "O4'"  O N N 42  
DG  "C3'"  C N S 43  
DG  "O3'"  O N N 44  
DG  "C2'"  C N N 45  
DG  "C1'"  C N R 46  
DG  N9     N Y N 47  
DG  C8     C Y N 48  
DG  N7     N Y N 49  
DG  C5     C Y N 50  
DG  C6     C N N 51  
DG  O6     O N N 52  
DG  N1     N N N 53  
DG  C2     C N N 54  
DG  N2     N N N 55  
DG  N3     N N N 56  
DG  C4     C Y N 57  
DG  HOP3   H N N 58  
DG  HOP2   H N N 59  
DG  "H5'"  H N N 60  
DG  "H5''" H N N 61  
DG  "H4'"  H N N 62  
DG  "H3'"  H N N 63  
DG  "HO3'" H N N 64  
DG  "H2'"  H N N 65  
DG  "H2''" H N N 66  
DG  "H1'"  H N N 67  
DG  H8     H N N 68  
DG  H1     H N N 69  
DG  H21    H N N 70  
DG  H22    H N N 71  
DI  OP3    O N N 72  
DI  P      P N N 73  
DI  OP1    O N N 74  
DI  OP2    O N N 75  
DI  "O5'"  O N N 76  
DI  "C5'"  C N N 77  
DI  "C4'"  C N R 78  
DI  "O4'"  O N N 79  
DI  "C3'"  C N S 80  
DI  "O3'"  O N N 81  
DI  "C2'"  C N N 82  
DI  "C1'"  C N R 83  
DI  N9     N Y N 84  
DI  C8     C Y N 85  
DI  N7     N Y N 86  
DI  C5     C Y N 87  
DI  C6     C N N 88  
DI  O6     O N N 89  
DI  N1     N N N 90  
DI  C2     C N N 91  
DI  N3     N N N 92  
DI  C4     C Y N 93  
DI  HOP3   H N N 94  
DI  HOP2   H N N 95  
DI  "H5'"  H N N 96  
DI  "H5''" H N N 97  
DI  "H4'"  H N N 98  
DI  "H3'"  H N N 99  
DI  "HO3'" H N N 100 
DI  "H2'"  H N N 101 
DI  "H2''" H N N 102 
DI  "H1'"  H N N 103 
DI  H8     H N N 104 
DI  H1     H N N 105 
DI  H2     H N N 106 
HOH O      O N N 107 
HOH H1     H N N 108 
HOH H2     H N N 109 
# 
loop_
_chem_comp_bond.comp_id 
_chem_comp_bond.atom_id_1 
_chem_comp_bond.atom_id_2 
_chem_comp_bond.value_order 
_chem_comp_bond.pdbx_aromatic_flag 
_chem_comp_bond.pdbx_stereo_config 
_chem_comp_bond.pdbx_ordinal 
DC  OP3   P      sing N N 1   
DC  OP3   HOP3   sing N N 2   
DC  P     OP1    doub N N 3   
DC  P     OP2    sing N N 4   
DC  P     "O5'"  sing N N 5   
DC  OP2   HOP2   sing N N 6   
DC  "O5'" "C5'"  sing N N 7   
DC  "C5'" "C4'"  sing N N 8   
DC  "C5'" "H5'"  sing N N 9   
DC  "C5'" "H5''" sing N N 10  
DC  "C4'" "O4'"  sing N N 11  
DC  "C4'" "C3'"  sing N N 12  
DC  "C4'" "H4'"  sing N N 13  
DC  "O4'" "C1'"  sing N N 14  
DC  "C3'" "O3'"  sing N N 15  
DC  "C3'" "C2'"  sing N N 16  
DC  "C3'" "H3'"  sing N N 17  
DC  "O3'" "HO3'" sing N N 18  
DC  "C2'" "C1'"  sing N N 19  
DC  "C2'" "H2'"  sing N N 20  
DC  "C2'" "H2''" sing N N 21  
DC  "C1'" N1     sing N N 22  
DC  "C1'" "H1'"  sing N N 23  
DC  N1    C2     sing N N 24  
DC  N1    C6     sing N N 25  
DC  C2    O2     doub N N 26  
DC  C2    N3     sing N N 27  
DC  N3    C4     doub N N 28  
DC  C4    N4     sing N N 29  
DC  C4    C5     sing N N 30  
DC  N4    H41    sing N N 31  
DC  N4    H42    sing N N 32  
DC  C5    C6     doub N N 33  
DC  C5    H5     sing N N 34  
DC  C6    H6     sing N N 35  
DG  OP3   P      sing N N 36  
DG  OP3   HOP3   sing N N 37  
DG  P     OP1    doub N N 38  
DG  P     OP2    sing N N 39  
DG  P     "O5'"  sing N N 40  
DG  OP2   HOP2   sing N N 41  
DG  "O5'" "C5'"  sing N N 42  
DG  "C5'" "C4'"  sing N N 43  
DG  "C5'" "H5'"  sing N N 44  
DG  "C5'" "H5''" sing N N 45  
DG  "C4'" "O4'"  sing N N 46  
DG  "C4'" "C3'"  sing N N 47  
DG  "C4'" "H4'"  sing N N 48  
DG  "O4'" "C1'"  sing N N 49  
DG  "C3'" "O3'"  sing N N 50  
DG  "C3'" "C2'"  sing N N 51  
DG  "C3'" "H3'"  sing N N 52  
DG  "O3'" "HO3'" sing N N 53  
DG  "C2'" "C1'"  sing N N 54  
DG  "C2'" "H2'"  sing N N 55  
DG  "C2'" "H2''" sing N N 56  
DG  "C1'" N9     sing N N 57  
DG  "C1'" "H1'"  sing N N 58  
DG  N9    C8     sing Y N 59  
DG  N9    C4     sing Y N 60  
DG  C8    N7     doub Y N 61  
DG  C8    H8     sing N N 62  
DG  N7    C5     sing Y N 63  
DG  C5    C6     sing N N 64  
DG  C5    C4     doub Y N 65  
DG  C6    O6     doub N N 66  
DG  C6    N1     sing N N 67  
DG  N1    C2     sing N N 68  
DG  N1    H1     sing N N 69  
DG  C2    N2     sing N N 70  
DG  C2    N3     doub N N 71  
DG  N2    H21    sing N N 72  
DG  N2    H22    sing N N 73  
DG  N3    C4     sing N N 74  
DI  OP3   P      sing N N 75  
DI  OP3   HOP3   sing N N 76  
DI  P     OP1    doub N N 77  
DI  P     OP2    sing N N 78  
DI  P     "O5'"  sing N N 79  
DI  OP2   HOP2   sing N N 80  
DI  "O5'" "C5'"  sing N N 81  
DI  "C5'" "C4'"  sing N N 82  
DI  "C5'" "H5'"  sing N N 83  
DI  "C5'" "H5''" sing N N 84  
DI  "C4'" "O4'"  sing N N 85  
DI  "C4'" "C3'"  sing N N 86  
DI  "C4'" "H4'"  sing N N 87  
DI  "O4'" "C1'"  sing N N 88  
DI  "C3'" "O3'"  sing N N 89  
DI  "C3'" "C2'"  sing N N 90  
DI  "C3'" "H3'"  sing N N 91  
DI  "O3'" "HO3'" sing N N 92  
DI  "C2'" "C1'"  sing N N 93  
DI  "C2'" "H2'"  sing N N 94  
DI  "C2'" "H2''" sing N N 95  
DI  "C1'" N9     sing N N 96  
DI  "C1'" "H1'"  sing N N 97  
DI  N9    C8     sing Y N 98  
DI  N9    C4     sing Y N 99  
DI  C8    N7     doub Y N 100 
DI  C8    H8     sing N N 101 
DI  N7    C5     sing Y N 102 
DI  C5    C6     sing N N 103 
DI  C5    C4     doub Y N 104 
DI  C6    O6     doub N N 105 
DI  C6    N1     sing N N 106 
DI  N1    C2     sing N N 107 
DI  N1    H1     sing N N 108 
DI  C2    N3     doub N N 109 
DI  C2    H2     sing N N 110 
DI  N3    C4     sing N N 111 
HOH O     H1     sing N N 112 
HOH O     H2     sing N N 113 
# 
_ndb_struct_conf_na.entry_id   286D 
_ndb_struct_conf_na.feature    'internal loop' 
# 
loop_
_ndb_struct_na_base_pair.model_number 
_ndb_struct_na_base_pair.i_label_asym_id 
_ndb_struct_na_base_pair.i_label_comp_id 
_ndb_struct_na_base_pair.i_label_seq_id 
_ndb_struct_na_base_pair.i_symmetry 
_ndb_struct_na_base_pair.j_label_asym_id 
_ndb_struct_na_base_pair.j_label_comp_id 
_ndb_struct_na_base_pair.j_label_seq_id 
_ndb_struct_na_base_pair.j_symmetry 
_ndb_struct_na_base_pair.shear 
_ndb_struct_na_base_pair.stretch 
_ndb_struct_na_base_pair.stagger 
_ndb_struct_na_base_pair.buckle 
_ndb_struct_na_base_pair.propeller 
_ndb_struct_na_base_pair.opening 
_ndb_struct_na_base_pair.pair_number 
_ndb_struct_na_base_pair.pair_name 
_ndb_struct_na_base_pair.i_auth_asym_id 
_ndb_struct_na_base_pair.i_auth_seq_id 
_ndb_struct_na_base_pair.i_PDB_ins_code 
_ndb_struct_na_base_pair.j_auth_asym_id 
_ndb_struct_na_base_pair.j_auth_seq_id 
_ndb_struct_na_base_pair.j_PDB_ins_code 
_ndb_struct_na_base_pair.hbond_type_28 
_ndb_struct_na_base_pair.hbond_type_12 
1 A DC 1  1_555 B DG 10 1_555 -0.024 -0.254 0.560  -10.897 -4.408  -4.778 1 A_DC1:DG20_B  A 1  ? B 20 ? 19 1 
1 A DC 2  1_555 B DG 9  1_555 0.105  -0.210 -0.075 -1.814  0.442   -3.744 2 A_DC2:DG19_B  A 2  ? B 19 ? 19 1 
1 A DG 9  1_555 B DC 2  1_555 -0.753 -0.485 -0.001 -5.149  -7.590  -4.515 3 A_DG9:DC12_B  A 9  ? B 12 ? 19 1 
1 A DG 10 1_555 B DC 1  1_555 -0.555 -0.373 0.194  0.519   -18.248 -0.299 4 A_DG10:DC11_B A 10 ? B 11 ? 19 1 
# 
loop_
_ndb_struct_na_base_pair_step.model_number 
_ndb_struct_na_base_pair_step.i_label_asym_id_1 
_ndb_struct_na_base_pair_step.i_label_comp_id_1 
_ndb_struct_na_base_pair_step.i_label_seq_id_1 
_ndb_struct_na_base_pair_step.i_symmetry_1 
_ndb_struct_na_base_pair_step.j_label_asym_id_1 
_ndb_struct_na_base_pair_step.j_label_comp_id_1 
_ndb_struct_na_base_pair_step.j_label_seq_id_1 
_ndb_struct_na_base_pair_step.j_symmetry_1 
_ndb_struct_na_base_pair_step.i_label_asym_id_2 
_ndb_struct_na_base_pair_step.i_label_comp_id_2 
_ndb_struct_na_base_pair_step.i_label_seq_id_2 
_ndb_struct_na_base_pair_step.i_symmetry_2 
_ndb_struct_na_base_pair_step.j_label_asym_id_2 
_ndb_struct_na_base_pair_step.j_label_comp_id_2 
_ndb_struct_na_base_pair_step.j_label_seq_id_2 
_ndb_struct_na_base_pair_step.j_symmetry_2 
_ndb_struct_na_base_pair_step.shift 
_ndb_struct_na_base_pair_step.slide 
_ndb_struct_na_base_pair_step.rise 
_ndb_struct_na_base_pair_step.tilt 
_ndb_struct_na_base_pair_step.roll 
_ndb_struct_na_base_pair_step.twist 
_ndb_struct_na_base_pair_step.x_displacement 
_ndb_struct_na_base_pair_step.y_displacement 
_ndb_struct_na_base_pair_step.helical_rise 
_ndb_struct_na_base_pair_step.inclination 
_ndb_struct_na_base_pair_step.tip 
_ndb_struct_na_base_pair_step.helical_twist 
_ndb_struct_na_base_pair_step.step_number 
_ndb_struct_na_base_pair_step.step_name 
_ndb_struct_na_base_pair_step.i_auth_asym_id_1 
_ndb_struct_na_base_pair_step.i_auth_seq_id_1 
_ndb_struct_na_base_pair_step.i_PDB_ins_code_1 
_ndb_struct_na_base_pair_step.j_auth_asym_id_1 
_ndb_struct_na_base_pair_step.j_auth_seq_id_1 
_ndb_struct_na_base_pair_step.j_PDB_ins_code_1 
_ndb_struct_na_base_pair_step.i_auth_asym_id_2 
_ndb_struct_na_base_pair_step.i_auth_seq_id_2 
_ndb_struct_na_base_pair_step.i_PDB_ins_code_2 
_ndb_struct_na_base_pair_step.j_auth_asym_id_2 
_ndb_struct_na_base_pair_step.j_auth_seq_id_2 
_ndb_struct_na_base_pair_step.j_PDB_ins_code_2 
1 A DC 1 1_555 B DG 10 1_555 A DC 2  1_555 B DG 9 1_555 0.448  0.650 3.125 6.865  2.847  37.051 0.646 0.173 3.194 4.426  -10.671 
37.763 1 AA_DC1DC2:DG19DG20_BB  A 1 ? B 20 ? A 2  ? B 19 ? 
1 A DG 9 1_555 B DC 2  1_555 A DG 10 1_555 B DC 1 1_555 -0.539 1.879 3.278 -2.879 -0.139 41.393 2.667 0.453 3.300 -0.196 4.068   
41.489 2 AA_DG9DG10:DC11DC12_BB A 9 ? B 12 ? A 10 ? B 11 ? 
# 
_pdbx_initial_refinement_model.accession_code   ? 
_pdbx_initial_refinement_model.id               1 
_pdbx_initial_refinement_model.entity_id_list   ? 
_pdbx_initial_refinement_model.type             'in silico model' 
_pdbx_initial_refinement_model.source_name      Other 
_pdbx_initial_refinement_model.details          'B-DNA ORIENTED FIBER' 
# 
_atom_sites.entry_id                    286D 
_atom_sites.fract_transf_matrix[1][1]   0.01244550 
_atom_sites.fract_transf_matrix[1][2]   -0.00660057 
_atom_sites.fract_transf_matrix[1][3]   -0.03175329 
_atom_sites.fract_transf_matrix[2][1]   0.00190555 
_atom_sites.fract_transf_matrix[2][2]   -0.03274178 
_atom_sites.fract_transf_matrix[2][3]   -0.01144872 
_atom_sites.fract_transf_matrix[3][1]   -0.02031583 
_atom_sites.fract_transf_matrix[3][2]   0.00172747 
_atom_sites.fract_transf_matrix[3][3]   -0.00832175 
_atom_sites.fract_transf_vector[1]      0.861607 
_atom_sites.fract_transf_vector[2]      0.243547 
_atom_sites.fract_transf_vector[3]      0.006907 
# 
loop_
_atom_type.symbol 
C 
N 
O 
P 
# 
loop_
_atom_site.group_PDB 
_atom_site.id 
_atom_site.type_symbol 
_atom_site.label_atom_id 
_atom_site.label_alt_id 
_atom_site.label_comp_id 
_atom_site.label_asym_id 
_atom_site.label_entity_id 
_atom_site.label_seq_id 
_atom_site.pdbx_PDB_ins_code 
_atom_site.Cartn_x 
_atom_site.Cartn_y 
_atom_site.Cartn_z 
_atom_site.occupancy 
_atom_site.B_iso_or_equiv 
_atom_site.pdbx_formal_charge 
_atom_site.auth_seq_id 
_atom_site.auth_comp_id 
_atom_site.auth_asym_id 
_atom_site.auth_atom_id 
_atom_site.pdbx_PDB_model_num 
ATOM   1   O "O5'" . DC  A 1 1  ? -7.323  -12.681 6.880   1.00 25.41 ? 1  DC  A "O5'" 1 
ATOM   2   C "C5'" . DC  A 1 1  ? -7.454  -12.932 8.301   1.00 25.56 ? 1  DC  A "C5'" 1 
ATOM   3   C "C4'" . DC  A 1 1  ? -6.303  -13.832 8.718   1.00 25.42 ? 1  DC  A "C4'" 1 
ATOM   4   O "O4'" . DC  A 1 1  ? -5.958  -14.693 7.612   1.00 25.25 ? 1  DC  A "O4'" 1 
ATOM   5   C "C3'" . DC  A 1 1  ? -5.031  -13.128 9.112   1.00 25.32 ? 1  DC  A "C3'" 1 
ATOM   6   O "O3'" . DC  A 1 1  ? -4.393  -13.672 10.265  1.00 25.77 ? 1  DC  A "O3'" 1 
ATOM   7   C "C2'" . DC  A 1 1  ? -4.091  -13.211 7.929   1.00 25.15 ? 1  DC  A "C2'" 1 
ATOM   8   C "C1'" . DC  A 1 1  ? -4.653  -14.356 7.128   1.00 24.47 ? 1  DC  A "C1'" 1 
ATOM   9   N N1    . DC  A 1 1  ? -4.624  -14.096 5.681   1.00 23.67 ? 1  DC  A N1    1 
ATOM   10  C C2    . DC  A 1 1  ? -3.391  -14.284 5.047   1.00 23.22 ? 1  DC  A C2    1 
ATOM   11  O O2    . DC  A 1 1  ? -2.411  -14.527 5.765   1.00 22.99 ? 1  DC  A O2    1 
ATOM   12  N N3    . DC  A 1 1  ? -3.367  -14.164 3.703   1.00 23.05 ? 1  DC  A N3    1 
ATOM   13  C C4    . DC  A 1 1  ? -4.476  -13.876 3.035   1.00 23.07 ? 1  DC  A C4    1 
ATOM   14  N N4    . DC  A 1 1  ? -4.433  -13.779 1.709   1.00 23.21 ? 1  DC  A N4    1 
ATOM   15  C C5    . DC  A 1 1  ? -5.747  -13.728 3.655   1.00 23.24 ? 1  DC  A C5    1 
ATOM   16  C C6    . DC  A 1 1  ? -5.752  -13.868 4.973   1.00 23.42 ? 1  DC  A C6    1 
ATOM   17  P P     . DC  A 1 2  ? -3.759  -12.526 11.190  1.00 27.20 ? 2  DC  A P     1 
ATOM   18  O OP1   . DC  A 1 2  ? -3.705  -13.161 12.621  1.00 27.20 ? 2  DC  A OP1   1 
ATOM   19  O OP2   . DC  A 1 2  ? -4.450  -11.212 11.010  1.00 26.64 ? 2  DC  A OP2   1 
ATOM   20  O "O5'" . DC  A 1 2  ? -2.258  -12.320 10.790  1.00 25.97 ? 2  DC  A "O5'" 1 
ATOM   21  C "C5'" . DC  A 1 2  ? -1.063  -13.073 10.539  1.00 25.12 ? 2  DC  A "C5'" 1 
ATOM   22  C "C4'" . DC  A 1 2  ? -0.161  -12.205 9.673   1.00 24.45 ? 2  DC  A "C4'" 1 
ATOM   23  O "O4'" . DC  A 1 2  ? -0.633  -12.261 8.312   1.00 23.90 ? 2  DC  A "O4'" 1 
ATOM   24  C "C3'" . DC  A 1 2  ? -0.113  -10.727 10.065  1.00 24.17 ? 2  DC  A "C3'" 1 
ATOM   25  O "O3'" . DC  A 1 2  ? 1.212   -10.228 9.952   1.00 24.48 ? 2  DC  A "O3'" 1 
ATOM   26  C "C2'" . DC  A 1 2  ? -1.036  -10.039 9.072   1.00 23.66 ? 2  DC  A "C2'" 1 
ATOM   27  C "C1'" . DC  A 1 2  ? -0.815  -10.915 7.857   1.00 22.97 ? 2  DC  A "C1'" 1 
ATOM   28  N N1    . DC  A 1 2  ? -1.803  -10.859 6.772   1.00 22.14 ? 2  DC  A N1    1 
ATOM   29  C C2    . DC  A 1 2  ? -1.253  -11.120 5.498   1.00 21.75 ? 2  DC  A C2    1 
ATOM   30  O O2    . DC  A 1 2  ? -0.056  -11.448 5.438   1.00 21.80 ? 2  DC  A O2    1 
ATOM   31  N N3    . DC  A 1 2  ? -2.070  -11.044 4.419   1.00 21.44 ? 2  DC  A N3    1 
ATOM   32  C C4    . DC  A 1 2  ? -3.350  -10.716 4.596   1.00 21.32 ? 2  DC  A C4    1 
ATOM   33  N N4    . DC  A 1 2  ? -4.082  -10.637 3.490   1.00 21.20 ? 2  DC  A N4    1 
ATOM   34  C C5    . DC  A 1 2  ? -3.913  -10.426 5.874   1.00 21.37 ? 2  DC  A C5    1 
ATOM   35  C C6    . DC  A 1 2  ? -3.105  -10.500 6.927   1.00 21.61 ? 2  DC  A C6    1 
ATOM   36  P P     . DI  A 1 3  ? 1.795   -8.951  10.740  1.00 24.93 ? 3  DI  A P     1 
ATOM   37  O OP1   . DI  A 1 3  ? 1.680   -9.255  12.207  1.00 25.20 ? 3  DI  A OP1   1 
ATOM   38  O OP2   . DI  A 1 3  ? 1.054   -7.754  10.345  1.00 24.38 ? 3  DI  A OP2   1 
ATOM   39  O "O5'" . DI  A 1 3  ? 3.285   -8.981  10.077  1.00 23.59 ? 3  DI  A "O5'" 1 
ATOM   40  C "C5'" . DI  A 1 3  ? 3.909   -10.142 9.429   1.00 22.21 ? 3  DI  A "C5'" 1 
ATOM   41  C "C4'" . DI  A 1 3  ? 4.453   -9.783  8.065   1.00 21.19 ? 3  DI  A "C4'" 1 
ATOM   42  O "O4'" . DI  A 1 3  ? 3.509   -9.976  7.002   1.00 20.68 ? 3  DI  A "O4'" 1 
ATOM   43  C "C3'" . DI  A 1 3  ? 4.958   -8.347  7.949   1.00 20.82 ? 3  DI  A "C3'" 1 
ATOM   44  O "O3'" . DI  A 1 3  ? 6.265   -8.341  7.380   1.00 20.68 ? 3  DI  A "O3'" 1 
ATOM   45  C "C2'" . DI  A 1 3  ? 3.934   -7.639  7.088   1.00 20.42 ? 3  DI  A "C2'" 1 
ATOM   46  C "C1'" . DI  A 1 3  ? 3.361   -8.761  6.234   1.00 19.75 ? 3  DI  A "C1'" 1 
ATOM   47  N N9    . DI  A 1 3  ? 1.964   -8.467  5.862   1.00 18.89 ? 3  DI  A N9    1 
ATOM   48  C C8    . DI  A 1 3  ? 0.950   -7.967  6.639   1.00 18.44 ? 3  DI  A C8    1 
ATOM   49  N N7    . DI  A 1 3  ? -0.157  -7.785  5.979   1.00 18.30 ? 3  DI  A N7    1 
ATOM   50  C C5    . DI  A 1 3  ? 0.155   -8.072  4.652   1.00 18.14 ? 3  DI  A C5    1 
ATOM   51  C C6    . DI  A 1 3  ? -0.627  -7.970  3.468   1.00 17.91 ? 3  DI  A C6    1 
ATOM   52  O O6    . DI  A 1 3  ? -1.814  -7.641  3.309   1.00 17.31 ? 3  DI  A O6    1 
ATOM   53  N N1    . DI  A 1 3  ? 0.091   -8.427  2.354   1.00 17.78 ? 3  DI  A N1    1 
ATOM   54  C C2    . DI  A 1 3  ? 1.407   -8.815  2.352   1.00 17.83 ? 3  DI  A C2    1 
ATOM   55  N N3    . DI  A 1 3  ? 2.165   -8.830  3.456   1.00 18.18 ? 3  DI  A N3    1 
ATOM   56  C C4    . DI  A 1 3  ? 1.475   -8.473  4.566   1.00 18.31 ? 3  DI  A C4    1 
ATOM   57  P P     . DI  A 1 4  ? 7.218   -7.052  7.387   1.00 20.98 ? 4  DI  A P     1 
ATOM   58  O OP1   . DI  A 1 4  ? 8.617   -7.553  7.691   1.00 20.89 ? 4  DI  A OP1   1 
ATOM   59  O OP2   . DI  A 1 4  ? 6.648   -6.016  8.322   1.00 20.43 ? 4  DI  A OP2   1 
ATOM   60  O "O5'" . DI  A 1 4  ? 7.115   -6.778  5.810   1.00 18.68 ? 4  DI  A "O5'" 1 
ATOM   61  C "C5'" . DI  A 1 4  ? 7.188   -7.836  4.811   1.00 17.11 ? 4  DI  A "C5'" 1 
ATOM   62  C "C4'" . DI  A 1 4  ? 6.734   -7.251  3.492   1.00 15.92 ? 4  DI  A "C4'" 1 
ATOM   63  O "O4'" . DI  A 1 4  ? 5.286   -7.136  3.483   1.00 15.30 ? 4  DI  A "O4'" 1 
ATOM   64  C "C3'" . DI  A 1 4  ? 7.253   -5.833  3.218   1.00 15.66 ? 4  DI  A "C3'" 1 
ATOM   65  O "O3'" . DI  A 1 4  ? 7.505   -5.681  1.804   1.00 15.92 ? 4  DI  A "O3'" 1 
ATOM   66  C "C2'" . DI  A 1 4  ? 6.095   -4.980  3.758   1.00 14.91 ? 4  DI  A "C2'" 1 
ATOM   67  C "C1'" . DI  A 1 4  ? 4.968   -5.784  3.099   1.00 13.80 ? 4  DI  A "C1'" 1 
ATOM   68  N N9    . DI  A 1 4  ? 3.629   -5.432  3.556   1.00 12.64 ? 4  DI  A N9    1 
ATOM   69  C C8    . DI  A 1 4  ? 3.144   -5.205  4.824   1.00 12.11 ? 4  DI  A C8    1 
ATOM   70  N N7    . DI  A 1 4  ? 1.869   -4.945  4.841   1.00 11.80 ? 4  DI  A N7    1 
ATOM   71  C C5    . DI  A 1 4  ? 1.478   -5.057  3.514   1.00 11.85 ? 4  DI  A C5    1 
ATOM   72  C C6    . DI  A 1 4  ? 0.228   -4.823  2.900   1.00 11.75 ? 4  DI  A C6    1 
ATOM   73  O O6    . DI  A 1 4  ? -0.821  -4.549  3.512   1.00 11.94 ? 4  DI  A O6    1 
ATOM   74  N N1    . DI  A 1 4  ? 0.254   -5.015  1.523   1.00 11.39 ? 4  DI  A N1    1 
ATOM   75  C C2    . DI  A 1 4  ? 1.352   -5.417  0.800   1.00 11.81 ? 4  DI  A C2    1 
ATOM   76  N N3    . DI  A 1 4  ? 2.558   -5.633  1.358   1.00 12.15 ? 4  DI  A N3    1 
ATOM   77  C C4    . DI  A 1 4  ? 2.544   -5.384  2.705   1.00 12.16 ? 4  DI  A C4    1 
ATOM   78  P P     . DI  A 1 5  ? 8.235   -4.374  1.148   1.00 16.13 ? 5  DI  A P     1 
ATOM   79  O OP1   . DI  A 1 5  ? 9.620   -4.973  1.042   1.00 15.86 ? 5  DI  A OP1   1 
ATOM   80  O OP2   . DI  A 1 5  ? 7.904   -3.020  1.754   1.00 15.64 ? 5  DI  A OP2   1 
ATOM   81  O "O5'" . DI  A 1 5  ? 7.376   -4.478  -0.200  1.00 14.59 ? 5  DI  A "O5'" 1 
ATOM   82  C "C5'" . DI  A 1 5  ? 7.646   -5.550  -1.143  1.00 13.51 ? 5  DI  A "C5'" 1 
ATOM   83  C "C4'" . DI  A 1 5  ? 6.703   -5.336  -2.329  1.00 12.54 ? 5  DI  A "C4'" 1 
ATOM   84  O "O4'" . DI  A 1 5  ? 5.359   -5.049  -1.898  1.00 11.94 ? 5  DI  A "O4'" 1 
ATOM   85  C "C3'" . DI  A 1 5  ? 7.051   -4.116  -3.157  1.00 12.24 ? 5  DI  A "C3'" 1 
ATOM   86  O "O3'" . DI  A 1 5  ? 6.585   -4.393  -4.480  1.00 12.69 ? 5  DI  A "O3'" 1 
ATOM   87  C "C2'" . DI  A 1 5  ? 6.309   -3.017  -2.390  1.00 11.80 ? 5  DI  A "C2'" 1 
ATOM   88  C "C1'" . DI  A 1 5  ? 4.958   -3.685  -2.163  1.00 10.80 ? 5  DI  A "C1'" 1 
ATOM   89  N N9    . DI  A 1 5  ? 4.199   -3.183  -1.010  1.00 9.89  ? 5  DI  A N9    1 
ATOM   90  C C8    . DI  A 1 5  ? 4.676   -2.979  0.270   1.00 9.73  ? 5  DI  A C8    1 
ATOM   91  N N7    . DI  A 1 5  ? 3.772   -2.553  1.112   1.00 9.51  ? 5  DI  A N7    1 
ATOM   92  C C5    . DI  A 1 5  ? 2.595   -2.515  0.378   1.00 9.23  ? 5  DI  A C5    1 
ATOM   93  C C6    . DI  A 1 5  ? 1.309   -2.084  0.758   1.00 9.12  ? 5  DI  A C6    1 
ATOM   94  O O6    . DI  A 1 5  ? 0.896   -1.754  1.884   1.00 9.13  ? 5  DI  A O6    1 
ATOM   95  N N1    . DI  A 1 5  ? 0.381   -2.091  -0.295  1.00 8.83  ? 5  DI  A N1    1 
ATOM   96  C C2    . DI  A 1 5  ? 0.749   -2.502  -1.555  1.00 9.51  ? 5  DI  A C2    1 
ATOM   97  N N3    . DI  A 1 5  ? 1.967   -2.935  -1.951  1.00 9.74  ? 5  DI  A N3    1 
ATOM   98  C C4    . DI  A 1 5  ? 2.852   -2.928  -0.912  1.00 9.53  ? 5  DI  A C4    1 
ATOM   99  P P     . DC  A 1 6  ? 6.816   -3.258  -5.599  1.00 13.47 ? 6  DC  A P     1 
ATOM   100 O OP1   . DC  A 1 6  ? 6.768   -3.984  -6.943  1.00 13.61 ? 6  DC  A OP1   1 
ATOM   101 O OP2   . DC  A 1 6  ? 8.026   -2.482  -5.172  1.00 13.12 ? 6  DC  A OP2   1 
ATOM   102 O "O5'" . DC  A 1 6  ? 5.406   -2.455  -5.596  1.00 12.73 ? 6  DC  A "O5'" 1 
ATOM   103 C "C5'" . DC  A 1 6  ? 4.166   -2.988  -6.129  1.00 12.26 ? 6  DC  A "C5'" 1 
ATOM   104 C "C4'" . DC  A 1 6  ? 3.095   -1.941  -5.941  1.00 12.19 ? 6  DC  A "C4'" 1 
ATOM   105 O "O4'" . DC  A 1 6  ? 2.815   -1.691  -4.544  1.00 11.86 ? 6  DC  A "O4'" 1 
ATOM   106 C "C3'" . DC  A 1 6  ? 3.424   -0.573  -6.522  1.00 12.53 ? 6  DC  A "C3'" 1 
ATOM   107 O "O3'" . DC  A 1 6  ? 2.255   0.012   -7.125  1.00 13.76 ? 6  DC  A "O3'" 1 
ATOM   108 C "C2'" . DC  A 1 6  ? 3.794   0.240   -5.284  1.00 12.05 ? 6  DC  A "C2'" 1 
ATOM   109 C "C1'" . DC  A 1 6  ? 2.723   -0.279  -4.326  1.00 11.18 ? 6  DC  A "C1'" 1 
ATOM   110 N N1    . DC  A 1 6  ? 2.964   0.014   -2.907  1.00 10.68 ? 6  DC  A N1    1 
ATOM   111 C C2    . DC  A 1 6  ? 1.851   0.471   -2.163  1.00 10.20 ? 6  DC  A C2    1 
ATOM   112 O O2    . DC  A 1 6  ? 0.747   0.555   -2.716  1.00 10.05 ? 6  DC  A O2    1 
ATOM   113 N N3    . DC  A 1 6  ? 2.069   0.713   -0.852  1.00 9.99  ? 6  DC  A N3    1 
ATOM   114 C C4    . DC  A 1 6  ? 3.236   0.540   -0.242  1.00 9.77  ? 6  DC  A C4    1 
ATOM   115 N N4    . DC  A 1 6  ? 3.255   0.787   1.072   1.00 9.27  ? 6  DC  A N4    1 
ATOM   116 C C5    . DC  A 1 6  ? 4.360   0.133   -1.015  1.00 9.92  ? 6  DC  A C5    1 
ATOM   117 C C6    . DC  A 1 6  ? 4.198   -0.100  -2.315  1.00 10.14 ? 6  DC  A C6    1 
ATOM   118 P P     . DC  A 1 7  ? 2.327   0.531   -8.694  1.00 15.44 ? 7  DC  A P     1 
ATOM   119 O OP1   . DC  A 1 7  ? 2.199   -0.716  -9.533  1.00 15.12 ? 7  DC  A OP1   1 
ATOM   120 O OP2   . DC  A 1 7  ? 3.670   1.177   -8.727  1.00 15.18 ? 7  DC  A OP2   1 
ATOM   121 O "O5'" . DC  A 1 7  ? 0.926   1.345   -8.615  1.00 14.09 ? 7  DC  A "O5'" 1 
ATOM   122 C "C5'" . DC  A 1 7  ? -0.260  0.749   -8.008  1.00 13.37 ? 7  DC  A "C5'" 1 
ATOM   123 C "C4'" . DC  A 1 7  ? -0.940  1.791   -7.163  1.00 13.09 ? 7  DC  A "C4'" 1 
ATOM   124 O "O4'" . DC  A 1 7  ? -0.342  2.018   -5.885  1.00 13.07 ? 7  DC  A "O4'" 1 
ATOM   125 C "C3'" . DC  A 1 7  ? -1.049  3.179   -7.786  1.00 13.26 ? 7  DC  A "C3'" 1 
ATOM   126 O "O3'" . DC  A 1 7  ? -2.439  3.550   -7.838  1.00 13.90 ? 7  DC  A "O3'" 1 
ATOM   127 C "C2'" . DC  A 1 7  ? -0.159  4.070   -6.926  1.00 12.84 ? 7  DC  A "C2'" 1 
ATOM   128 C "C1'" . DC  A 1 7  ? -0.324  3.443   -5.572  1.00 12.14 ? 7  DC  A "C1'" 1 
ATOM   129 N N1    . DC  A 1 7  ? 0.726   3.668   -4.591  1.00 11.49 ? 7  DC  A N1    1 
ATOM   130 C C2    . DC  A 1 7  ? 0.348   4.076   -3.306  1.00 11.16 ? 7  DC  A C2    1 
ATOM   131 O O2    . DC  A 1 7  ? -0.839  4.314   -3.064  1.00 11.05 ? 7  DC  A O2    1 
ATOM   132 N N3    . DC  A 1 7  ? 1.317   4.196   -2.368  1.00 10.86 ? 7  DC  A N3    1 
ATOM   133 C C4    . DC  A 1 7  ? 2.578   3.869   -2.631  1.00 10.86 ? 7  DC  A C4    1 
ATOM   134 N N4    . DC  A 1 7  ? 3.422   3.939   -1.600  1.00 10.75 ? 7  DC  A N4    1 
ATOM   135 C C5    . DC  A 1 7  ? 2.980   3.419   -3.923  1.00 10.98 ? 7  DC  A C5    1 
ATOM   136 C C6    . DC  A 1 7  ? 2.025   3.337   -4.863  1.00 11.28 ? 7  DC  A C6    1 
ATOM   137 P P     . DC  A 1 8  ? -2.793  4.819   -8.801  1.00 15.10 ? 8  DC  A P     1 
ATOM   138 O OP1   . DC  A 1 8  ? -3.996  4.127   -9.444  1.00 15.16 ? 8  DC  A OP1   1 
ATOM   139 O OP2   . DC  A 1 8  ? -1.625  5.174   -9.667  1.00 14.07 ? 8  DC  A OP2   1 
ATOM   140 O "O5'" . DC  A 1 8  ? -3.272  5.774   -7.613  1.00 14.59 ? 8  DC  A "O5'" 1 
ATOM   141 C "C5'" . DC  A 1 8  ? -4.222  5.410   -6.571  1.00 14.45 ? 8  DC  A "C5'" 1 
ATOM   142 C "C4'" . DC  A 1 8  ? -3.935  6.371   -5.426  1.00 14.44 ? 8  DC  A "C4'" 1 
ATOM   143 O "O4'" . DC  A 1 8  ? -2.500  6.310   -5.217  1.00 14.43 ? 8  DC  A "O4'" 1 
ATOM   144 C "C3'" . DC  A 1 8  ? -4.089  7.841   -5.790  1.00 14.69 ? 8  DC  A "C3'" 1 
ATOM   145 O "O3'" . DC  A 1 8  ? -5.420  8.341   -5.511  1.00 15.11 ? 8  DC  A "O3'" 1 
ATOM   146 C "C2'" . DC  A 1 8  ? -2.957  8.598   -5.128  1.00 14.38 ? 8  DC  A "C2'" 1 
ATOM   147 C "C1'" . DC  A 1 8  ? -2.244  7.496   -4.405  1.00 14.05 ? 8  DC  A "C1'" 1 
ATOM   148 N N1    . DC  A 1 8  ? -0.795  7.546   -4.170  1.00 13.71 ? 8  DC  A N1    1 
ATOM   149 C C2    . DC  A 1 8  ? -0.399  7.732   -2.828  1.00 13.50 ? 8  DC  A C2    1 
ATOM   150 O O2    . DC  A 1 8  ? -1.290  8.049   -2.030  1.00 13.41 ? 8  DC  A O2    1 
ATOM   151 N N3    . DC  A 1 8  ? 0.920   7.652   -2.518  1.00 13.31 ? 8  DC  A N3    1 
ATOM   152 C C4    . DC  A 1 8  ? 1.810   7.382   -3.486  1.00 13.22 ? 8  DC  A C4    1 
ATOM   153 N N4    . DC  A 1 8  ? 3.099   7.314   -3.136  1.00 13.24 ? 8  DC  A N4    1 
ATOM   154 C C5    . DC  A 1 8  ? 1.419   7.133   -4.831  1.00 13.21 ? 8  DC  A C5    1 
ATOM   155 C C6    . DC  A 1 8  ? 0.117   7.220   -5.130  1.00 13.36 ? 8  DC  A C6    1 
ATOM   156 P P     . DG  A 1 9  ? -5.657  9.631   -6.506  1.00 15.54 ? 9  DG  A P     1 
ATOM   157 O OP1   . DG  A 1 9  ? -7.072  9.607   -6.913  1.00 15.38 ? 9  DG  A OP1   1 
ATOM   158 O OP2   . DG  A 1 9  ? -4.634  9.894   -7.601  1.00 15.22 ? 9  DG  A OP2   1 
ATOM   159 O "O5'" . DG  A 1 9  ? -5.068  10.603  -5.290  1.00 13.27 ? 9  DG  A "O5'" 1 
ATOM   160 C "C5'" . DG  A 1 9  ? -5.988  10.960  -4.219  1.00 10.90 ? 9  DG  A "C5'" 1 
ATOM   161 C "C4'" . DG  A 1 9  ? -5.231  11.905  -3.309  1.00 9.49  ? 9  DG  A "C4'" 1 
ATOM   162 O "O4'" . DG  A 1 9  ? -3.912  11.367  -3.099  1.00 8.18  ? 9  DG  A "O4'" 1 
ATOM   163 C "C3'" . DG  A 1 9  ? -5.071  13.331  -3.826  1.00 9.19  ? 9  DG  A "C3'" 1 
ATOM   164 O "O3'" . DG  A 1 9  ? -5.076  14.319  -2.767  1.00 10.64 ? 9  DG  A "O3'" 1 
ATOM   165 C "C2'" . DG  A 1 9  ? -3.695  13.252  -4.461  1.00 8.12  ? 9  DG  A "C2'" 1 
ATOM   166 C "C1'" . DG  A 1 9  ? -2.991  12.429  -3.371  1.00 6.86  ? 9  DG  A "C1'" 1 
ATOM   167 N N9    . DG  A 1 9  ? -1.685  11.934  -3.793  1.00 5.42  ? 9  DG  A N9    1 
ATOM   168 C C8    . DG  A 1 9  ? -1.256  11.642  -5.066  1.00 5.15  ? 9  DG  A C8    1 
ATOM   169 N N7    . DG  A 1 9  ? -0.007  11.338  -5.162  1.00 4.81  ? 9  DG  A N7    1 
ATOM   170 C C5    . DG  A 1 9  ? 0.392   11.357  -3.838  1.00 4.42  ? 9  DG  A C5    1 
ATOM   171 C C6    . DG  A 1 9  ? 1.664   11.032  -3.344  1.00 4.37  ? 9  DG  A C6    1 
ATOM   172 O O6    . DG  A 1 9  ? 2.592   10.679  -4.085  1.00 4.90  ? 9  DG  A O6    1 
ATOM   173 N N1    . DG  A 1 9  ? 1.705   11.140  -1.971  1.00 4.00  ? 9  DG  A N1    1 
ATOM   174 C C2    . DG  A 1 9  ? 0.633   11.450  -1.175  1.00 4.04  ? 9  DG  A C2    1 
ATOM   175 N N2    . DG  A 1 9  ? 0.926   11.457  0.130   1.00 3.62  ? 9  DG  A N2    1 
ATOM   176 N N3    . DG  A 1 9  ? -0.579  11.748  -1.627  1.00 4.38  ? 9  DG  A N3    1 
ATOM   177 C C4    . DG  A 1 9  ? -0.610  11.689  -2.981  1.00 4.56  ? 9  DG  A C4    1 
ATOM   178 P P     . DG  A 1 10 ? -6.401  15.271  -2.688  1.00 12.81 ? 10 DG  A P     1 
ATOM   179 O OP1   . DG  A 1 10 ? -7.515  14.245  -2.549  1.00 13.39 ? 10 DG  A OP1   1 
ATOM   180 O OP2   . DG  A 1 10 ? -6.321  15.943  -4.043  1.00 13.15 ? 10 DG  A OP2   1 
ATOM   181 O "O5'" . DG  A 1 10 ? -6.251  16.169  -1.341  1.00 11.35 ? 10 DG  A "O5'" 1 
ATOM   182 C "C5'" . DG  A 1 10 ? -6.401  15.429  -0.132  1.00 10.11 ? 10 DG  A "C5'" 1 
ATOM   183 C "C4'" . DG  A 1 10 ? -5.281  15.435  0.823   1.00 9.33  ? 10 DG  A "C4'" 1 
ATOM   184 O "O4'" . DG  A 1 10 ? -4.043  14.900  0.333   1.00 8.98  ? 10 DG  A "O4'" 1 
ATOM   185 C "C3'" . DG  A 1 10 ? -4.850  16.661  1.590   1.00 9.07  ? 10 DG  A "C3'" 1 
ATOM   186 O "O3'" . DG  A 1 10 ? -4.329  16.255  2.889   1.00 9.45  ? 10 DG  A "O3'" 1 
ATOM   187 C "C2'" . DG  A 1 10 ? -3.691  17.148  0.711   1.00 8.54  ? 10 DG  A "C2'" 1 
ATOM   188 C "C1'" . DG  A 1 10 ? -2.933  15.847  0.514   1.00 7.29  ? 10 DG  A "C1'" 1 
ATOM   189 N N9    . DG  A 1 10 ? -2.180  15.837  -0.763  1.00 6.10  ? 10 DG  A N9    1 
ATOM   190 C C8    . DG  A 1 10 ? -2.693  16.077  -2.031  1.00 5.47  ? 10 DG  A C8    1 
ATOM   191 N N7    . DG  A 1 10 ? -1.817  15.898  -2.993  1.00 5.04  ? 10 DG  A N7    1 
ATOM   192 C C5    . DG  A 1 10 ? -0.701  15.409  -2.324  1.00 4.65  ? 10 DG  A C5    1 
ATOM   193 C C6    . DG  A 1 10 ? 0.553   15.060  -2.847  1.00 4.32  ? 10 DG  A C6    1 
ATOM   194 O O6    . DG  A 1 10 ? 0.949   15.037  -4.025  1.00 4.49  ? 10 DG  A O6    1 
ATOM   195 N N1    . DG  A 1 10 ? 1.418   14.708  -1.826  1.00 3.90  ? 10 DG  A N1    1 
ATOM   196 C C2    . DG  A 1 10 ? 1.166   14.827  -0.499  1.00 4.01  ? 10 DG  A C2    1 
ATOM   197 N N2    . DG  A 1 10 ? 2.191   14.521  0.288   1.00 3.53  ? 10 DG  A N2    1 
ATOM   198 N N3    . DG  A 1 10 ? -0.020  15.134  0.009   1.00 4.39  ? 10 DG  A N3    1 
ATOM   199 C C4    . DG  A 1 10 ? -0.905  15.363  -0.969  1.00 4.81  ? 10 DG  A C4    1 
ATOM   200 O "O5'" . DC  B 1 1  ? 10.427  15.699  -1.031  1.00 22.27 ? 11 DC  B "O5'" 1 
ATOM   201 C "C5'" . DC  B 1 1  ? 9.348   15.863  -0.071  1.00 21.83 ? 11 DC  B "C5'" 1 
ATOM   202 C "C4'" . DC  B 1 1  ? 8.459   14.639  -0.089  1.00 21.59 ? 11 DC  B "C4'" 1 
ATOM   203 O "O4'" . DC  B 1 1  ? 7.613   14.774  -1.265  1.00 21.19 ? 11 DC  B "O4'" 1 
ATOM   204 C "C3'" . DC  B 1 1  ? 9.035   13.229  -0.156  1.00 21.58 ? 11 DC  B "C3'" 1 
ATOM   205 O "O3'" . DC  B 1 1  ? 9.073   12.574  1.119   1.00 22.20 ? 11 DC  B "O3'" 1 
ATOM   206 C "C2'" . DC  B 1 1  ? 8.097   12.485  -1.109  1.00 20.98 ? 11 DC  B "C2'" 1 
ATOM   207 C "C1'" . DC  B 1 1  ? 6.985   13.456  -1.303  1.00 20.14 ? 11 DC  B "C1'" 1 
ATOM   208 N N1    . DC  B 1 1  ? 6.055   13.423  -2.428  1.00 19.21 ? 11 DC  B N1    1 
ATOM   209 C C2    . DC  B 1 1  ? 4.779   13.910  -2.086  1.00 18.72 ? 11 DC  B C2    1 
ATOM   210 O O2    . DC  B 1 1  ? 4.644   14.206  -0.886  1.00 18.70 ? 11 DC  B O2    1 
ATOM   211 N N3    . DC  B 1 1  ? 3.808   13.874  -3.000  1.00 18.47 ? 11 DC  B N3    1 
ATOM   212 C C4    . DC  B 1 1  ? 4.053   13.456  -4.228  1.00 18.49 ? 11 DC  B C4    1 
ATOM   213 N N4    . DC  B 1 1  ? 3.037   13.541  -5.095  1.00 18.41 ? 11 DC  B N4    1 
ATOM   214 C C5    . DC  B 1 1  ? 5.353   13.024  -4.608  1.00 18.65 ? 11 DC  B C5    1 
ATOM   215 C C6    . DC  B 1 1  ? 6.319   13.016  -3.686  1.00 18.82 ? 11 DC  B C6    1 
ATOM   216 P P     . DC  B 1 2  ? 10.002  12.419  2.436   1.00 23.22 ? 12 DC  B P     1 
ATOM   217 O OP1   . DC  B 1 2  ? 9.848   13.675  3.264   1.00 22.47 ? 12 DC  B OP1   1 
ATOM   218 O OP2   . DC  B 1 2  ? 11.230  11.789  1.854   1.00 23.04 ? 12 DC  B OP2   1 
ATOM   219 O "O5'" . DC  B 1 2  ? 9.285   11.134  3.319   1.00 21.31 ? 12 DC  B "O5'" 1 
ATOM   220 C "C5'" . DC  B 1 2  ? 8.154   11.541  4.108   1.00 19.94 ? 12 DC  B "C5'" 1 
ATOM   221 C "C4'" . DC  B 1 2  ? 6.836   10.924  3.811   1.00 19.20 ? 12 DC  B "C4'" 1 
ATOM   222 O "O4'" . DC  B 1 2  ? 6.217   11.197  2.541   1.00 18.54 ? 12 DC  B "O4'" 1 
ATOM   223 C "C3'" . DC  B 1 2  ? 6.695   9.424   4.057   1.00 18.95 ? 12 DC  B "C3'" 1 
ATOM   224 O "O3'" . DC  B 1 2  ? 5.569   9.210   4.936   1.00 19.36 ? 12 DC  B "O3'" 1 
ATOM   225 C "C2'" . DC  B 1 2  ? 6.497   8.876   2.664   1.00 18.39 ? 12 DC  B "C2'" 1 
ATOM   226 C "C1'" . DC  B 1 2  ? 5.699   9.987   1.991   1.00 17.62 ? 12 DC  B "C1'" 1 
ATOM   227 N N1    . DC  B 1 2  ? 5.643   9.950   0.535   1.00 17.01 ? 12 DC  B N1    1 
ATOM   228 C C2    . DC  B 1 2  ? 4.450   10.374  -0.081  1.00 16.42 ? 12 DC  B C2    1 
ATOM   229 O O2    . DC  B 1 2  ? 3.567   10.808  0.651   1.00 16.23 ? 12 DC  B O2    1 
ATOM   230 N N3    . DC  B 1 2  ? 4.317   10.299  -1.428  1.00 16.21 ? 12 DC  B N3    1 
ATOM   231 C C4    . DC  B 1 2  ? 5.260   9.717   -2.171  1.00 16.30 ? 12 DC  B C4    1 
ATOM   232 N N4    . DC  B 1 2  ? 5.086   9.655   -3.502  1.00 16.12 ? 12 DC  B N4    1 
ATOM   233 C C5    . DC  B 1 2  ? 6.489   9.280   -1.583  1.00 16.38 ? 12 DC  B C5    1 
ATOM   234 C C6    . DC  B 1 2  ? 6.639   9.441   -0.270  1.00 16.67 ? 12 DC  B C6    1 
ATOM   235 P P     . DI  B 1 3  ? 5.801   9.022   6.544   1.00 19.77 ? 13 DI  B P     1 
ATOM   236 O OP1   . DI  B 1 3  ? 6.262   10.150  7.394   1.00 19.86 ? 13 DI  B OP1   1 
ATOM   237 O OP2   . DI  B 1 3  ? 6.622   7.804   6.519   1.00 19.77 ? 13 DI  B OP2   1 
ATOM   238 O "O5'" . DI  B 1 3  ? 4.246   8.755   7.013   1.00 19.83 ? 13 DI  B "O5'" 1 
ATOM   239 C "C5'" . DI  B 1 3  ? 3.503   9.978   7.315   1.00 19.91 ? 13 DI  B "C5'" 1 
ATOM   240 C "C4'" . DI  B 1 3  ? 2.097   9.805   6.821   1.00 19.89 ? 13 DI  B "C4'" 1 
ATOM   241 O "O4'" . DI  B 1 3  ? 2.111   9.596   5.396   1.00 19.56 ? 13 DI  B "O4'" 1 
ATOM   242 C "C3'" . DI  B 1 3  ? 1.411   8.576   7.409   1.00 20.14 ? 13 DI  B "C3'" 1 
ATOM   243 O "O3'" . DI  B 1 3  ? -0.009  8.828   7.493   1.00 21.09 ? 13 DI  B "O3'" 1 
ATOM   244 C "C2'" . DI  B 1 3  ? 1.833   7.497   6.419   1.00 19.66 ? 13 DI  B "C2'" 1 
ATOM   245 C "C1'" . DI  B 1 3  ? 1.657   8.254   5.132   1.00 19.17 ? 13 DI  B "C1'" 1 
ATOM   246 N N9    . DI  B 1 3  ? 2.458   7.759   3.999   1.00 18.79 ? 13 DI  B N9    1 
ATOM   247 C C8    . DI  B 1 3  ? 3.708   7.204   3.994   1.00 18.52 ? 13 DI  B C8    1 
ATOM   248 N N7    . DI  B 1 3  ? 4.118   6.935   2.780   1.00 18.65 ? 13 DI  B N7    1 
ATOM   249 C C5    . DI  B 1 3  ? 3.094   7.363   1.943   1.00 18.31 ? 13 DI  B C5    1 
ATOM   250 C C6    . DI  B 1 3  ? 3.007   7.371   0.535   1.00 18.18 ? 13 DI  B C6    1 
ATOM   251 O O6    . DI  B 1 3  ? 3.813   6.949   -0.306  1.00 18.00 ? 13 DI  B O6    1 
ATOM   252 N N1    . DI  B 1 3  ? 1.823   7.977   0.115   1.00 18.06 ? 13 DI  B N1    1 
ATOM   253 C C2    . DI  B 1 3  ? 0.839   8.480   0.926   1.00 18.00 ? 13 DI  B C2    1 
ATOM   254 N N3    . DI  B 1 3  ? 0.904   8.452   2.241   1.00 18.10 ? 13 DI  B N3    1 
ATOM   255 C C4    . DI  B 1 3  ? 2.063   7.903   2.674   1.00 18.32 ? 13 DI  B C4    1 
ATOM   256 P P     . DI  B 1 4  ? -0.835  8.026   8.716   1.00 22.26 ? 14 DI  B P     1 
ATOM   257 O OP1   . DI  B 1 4  ? -1.174  9.248   9.512   1.00 21.81 ? 14 DI  B OP1   1 
ATOM   258 O OP2   . DI  B 1 4  ? -0.079  6.775   8.979   1.00 21.38 ? 14 DI  B OP2   1 
ATOM   259 O "O5'" . DI  B 1 4  ? -2.091  7.451   7.817   1.00 20.82 ? 14 DI  B "O5'" 1 
ATOM   260 C "C5'" . DI  B 1 4  ? -2.709  8.394   6.915   1.00 19.98 ? 14 DI  B "C5'" 1 
ATOM   261 C "C4'" . DI  B 1 4  ? -3.199  7.612   5.714   1.00 19.53 ? 14 DI  B "C4'" 1 
ATOM   262 O "O4'" . DI  B 1 4  ? -2.092  7.265   4.872   1.00 18.72 ? 14 DI  B "O4'" 1 
ATOM   263 C "C3'" . DI  B 1 4  ? -3.917  6.291   5.991   1.00 19.56 ? 14 DI  B "C3'" 1 
ATOM   264 O "O3'" . DI  B 1 4  ? -5.314  6.538   6.136   1.00 20.01 ? 14 DI  B "O3'" 1 
ATOM   265 C "C2'" . DI  B 1 4  ? -3.527  5.386   4.836   1.00 18.89 ? 14 DI  B "C2'" 1 
ATOM   266 C "C1'" . DI  B 1 4  ? -2.555  6.191   4.026   1.00 17.87 ? 14 DI  B "C1'" 1 
ATOM   267 N N9    . DI  B 1 4  ? -1.300  5.541   3.640   1.00 17.00 ? 14 DI  B N9    1 
ATOM   268 C C8    . DI  B 1 4  ? -0.226  5.145   4.407   1.00 16.85 ? 14 DI  B C8    1 
ATOM   269 N N7    . DI  B 1 4  ? 0.775   4.676   3.706   1.00 16.63 ? 14 DI  B N7    1 
ATOM   270 C C5    . DI  B 1 4  ? 0.379   4.875   2.382   1.00 16.45 ? 14 DI  B C5    1 
ATOM   271 C C6    . DI  B 1 4  ? 1.024   4.576   1.167   1.00 16.13 ? 14 DI  B C6    1 
ATOM   272 O O6    . DI  B 1 4  ? 2.164   4.165   0.943   1.00 15.95 ? 14 DI  B O6    1 
ATOM   273 N N1    . DI  B 1 4  ? 0.213   4.891   0.087   1.00 16.03 ? 14 DI  B N1    1 
ATOM   274 C C2    . DI  B 1 4  ? -1.033  5.448   0.122   1.00 16.22 ? 14 DI  B C2    1 
ATOM   275 N N3    . DI  B 1 4  ? -1.658  5.752   1.254   1.00 16.47 ? 14 DI  B N3    1 
ATOM   276 C C4    . DI  B 1 4  ? -0.880  5.457   2.332   1.00 16.62 ? 14 DI  B C4    1 
ATOM   277 P P     . DI  B 1 5  ? -6.526  5.981   5.291   1.00 21.78 ? 15 DI  B P     1 
ATOM   278 O OP1   . DI  B 1 5  ? -7.494  7.210   5.204   1.00 20.82 ? 15 DI  B OP1   1 
ATOM   279 O OP2   . DI  B 1 5  ? -7.005  4.696   5.987   1.00 21.79 ? 15 DI  B OP2   1 
ATOM   280 O "O5'" . DI  B 1 5  ? -6.135  5.344   3.842   1.00 19.67 ? 15 DI  B "O5'" 1 
ATOM   281 C "C5'" . DI  B 1 5  ? -6.453  6.131   2.666   1.00 18.14 ? 15 DI  B "C5'" 1 
ATOM   282 C "C4'" . DI  B 1 5  ? -6.337  5.236   1.464   1.00 17.11 ? 15 DI  B "C4'" 1 
ATOM   283 O "O4'" . DI  B 1 5  ? -4.966  4.813   1.345   1.00 16.34 ? 15 DI  B "O4'" 1 
ATOM   284 C "C3'" . DI  B 1 5  ? -7.160  3.948   1.523   1.00 17.06 ? 15 DI  B "C3'" 1 
ATOM   285 O "O3'" . DI  B 1 5  ? -7.516  3.593   0.181   1.00 17.72 ? 15 DI  B "O3'" 1 
ATOM   286 C "C2'" . DI  B 1 5  ? -6.130  2.952   2.060   1.00 16.42 ? 15 DI  B "C2'" 1 
ATOM   287 C "C1'" . DI  B 1 5  ? -4.935  3.380   1.212   1.00 15.20 ? 15 DI  B "C1'" 1 
ATOM   288 N N9    . DI  B 1 5  ? -3.656  2.867   1.722   1.00 14.11 ? 15 DI  B N9    1 
ATOM   289 C C8    . DI  B 1 5  ? -3.219  2.695   3.010   1.00 13.64 ? 15 DI  B C8    1 
ATOM   290 N N7    . DI  B 1 5  ? -2.025  2.174   3.100   1.00 13.44 ? 15 DI  B N7    1 
ATOM   291 C C5    . DI  B 1 5  ? -1.645  2.002   1.777   1.00 13.17 ? 15 DI  B C5    1 
ATOM   292 C C6    . DI  B 1 5  ? -0.424  1.554   1.237   1.00 12.99 ? 15 DI  B C6    1 
ATOM   293 O O6    . DI  B 1 5  ? 0.557   1.162   1.873   1.00 13.02 ? 15 DI  B O6    1 
ATOM   294 N N1    . DI  B 1 5  ? -0.446  1.601   -0.151  1.00 12.84 ? 15 DI  B N1    1 
ATOM   295 C C2    . DI  B 1 5  ? -1.479  1.992   -0.953  1.00 13.17 ? 15 DI  B C2    1 
ATOM   296 N N3    . DI  B 1 5  ? -2.631  2.437   -0.451  1.00 13.45 ? 15 DI  B N3    1 
ATOM   297 C C4    . DI  B 1 5  ? -2.611  2.453   0.913   1.00 13.47 ? 15 DI  B C4    1 
ATOM   298 P P     . DC  B 1 6  ? -9.015  3.111   -0.237  1.00 19.40 ? 16 DC  B P     1 
ATOM   299 O OP1   . DC  B 1 6  ? -9.602  4.100   -1.196  1.00 18.83 ? 16 DC  B OP1   1 
ATOM   300 O OP2   . DC  B 1 6  ? -9.684  2.847   1.089   1.00 19.50 ? 16 DC  B OP2   1 
ATOM   301 O "O5'" . DC  B 1 6  ? -8.584  1.842   -1.156  1.00 18.04 ? 16 DC  B "O5'" 1 
ATOM   302 C "C5'" . DC  B 1 6  ? -7.614  2.196   -2.190  1.00 16.98 ? 16 DC  B "C5'" 1 
ATOM   303 C "C4'" . DC  B 1 6  ? -6.678  1.078   -2.495  1.00 16.27 ? 16 DC  B "C4'" 1 
ATOM   304 O "O4'" . DC  B 1 6  ? -5.561  0.920   -1.615  1.00 15.85 ? 16 DC  B "O4'" 1 
ATOM   305 C "C3'" . DC  B 1 6  ? -7.385  -0.284  -2.518  1.00 16.17 ? 16 DC  B "C3'" 1 
ATOM   306 O "O3'" . DC  B 1 6  ? -7.193  -0.766  -3.844  1.00 16.41 ? 16 DC  B "O3'" 1 
ATOM   307 C "C2'" . DC  B 1 6  ? -6.661  -1.094  -1.461  1.00 15.76 ? 16 DC  B "C2'" 1 
ATOM   308 C "C1'" . DC  B 1 6  ? -5.269  -0.492  -1.528  1.00 14.96 ? 16 DC  B "C1'" 1 
ATOM   309 N N1    . DC  B 1 6  ? -4.411  -0.715  -0.362  1.00 14.15 ? 16 DC  B N1    1 
ATOM   310 C C2    . DC  B 1 6  ? -3.057  -1.009  -0.607  1.00 14.00 ? 16 DC  B C2    1 
ATOM   311 O O2    . DC  B 1 6  ? -2.700  -1.126  -1.801  1.00 13.93 ? 16 DC  B O2    1 
ATOM   312 N N3    . DC  B 1 6  ? -2.209  -1.184  0.436   1.00 13.63 ? 16 DC  B N3    1 
ATOM   313 C C4    . DC  B 1 6  ? -2.670  -1.073  1.683   1.00 13.77 ? 16 DC  B C4    1 
ATOM   314 N N4    . DC  B 1 6  ? -1.841  -1.169  2.737   1.00 13.58 ? 16 DC  B N4    1 
ATOM   315 C C5    . DC  B 1 6  ? -4.058  -0.803  1.940   1.00 14.03 ? 16 DC  B C5    1 
ATOM   316 C C6    . DC  B 1 6  ? -4.873  -0.577  0.902   1.00 13.86 ? 16 DC  B C6    1 
ATOM   317 P P     . DC  B 1 7  ? -7.978  -1.994  -4.372  1.00 16.96 ? 17 DC  B P     1 
ATOM   318 O OP1   . DC  B 1 7  ? -8.371  -1.753  -5.802  1.00 16.96 ? 17 DC  B OP1   1 
ATOM   319 O OP2   . DC  B 1 7  ? -8.971  -2.458  -3.377  1.00 16.04 ? 17 DC  B OP2   1 
ATOM   320 O "O5'" . DC  B 1 7  ? -6.556  -2.758  -4.444  1.00 16.77 ? 17 DC  B "O5'" 1 
ATOM   321 C "C5'" . DC  B 1 7  ? -5.414  -2.388  -5.232  1.00 16.97 ? 17 DC  B "C5'" 1 
ATOM   322 C "C4'" . DC  B 1 7  ? -4.270  -3.265  -4.768  1.00 17.15 ? 17 DC  B "C4'" 1 
ATOM   323 O "O4'" . DC  B 1 7  ? -4.161  -3.191  -3.326  1.00 17.25 ? 17 DC  B "O4'" 1 
ATOM   324 C "C3'" . DC  B 1 7  ? -4.477  -4.744  -5.029  1.00 17.36 ? 17 DC  B "C3'" 1 
ATOM   325 O "O3'" . DC  B 1 7  ? -3.743  -5.154  -6.197  1.00 18.05 ? 17 DC  B "O3'" 1 
ATOM   326 C "C2'" . DC  B 1 7  ? -4.049  -5.462  -3.758  1.00 17.29 ? 17 DC  B "C2'" 1 
ATOM   327 C "C1'" . DC  B 1 7  ? -3.420  -4.391  -2.935  1.00 16.62 ? 17 DC  B "C1'" 1 
ATOM   328 N N1    . DC  B 1 7  ? -3.545  -4.488  -1.483  1.00 16.28 ? 17 DC  B N1    1 
ATOM   329 C C2    . DC  B 1 7  ? -2.340  -4.666  -0.772  1.00 16.33 ? 17 DC  B C2    1 
ATOM   330 O O2    . DC  B 1 7  ? -1.289  -4.917  -1.417  1.00 16.34 ? 17 DC  B O2    1 
ATOM   331 N N3    . DC  B 1 7  ? -2.383  -4.676  0.592   1.00 15.96 ? 17 DC  B N3    1 
ATOM   332 C C4    . DC  B 1 7  ? -3.543  -4.494  1.217   1.00 16.04 ? 17 DC  B C4    1 
ATOM   333 N N4    . DC  B 1 7  ? -3.509  -4.410  2.555   1.00 15.91 ? 17 DC  B N4    1 
ATOM   334 C C5    . DC  B 1 7  ? -4.759  -4.265  0.492   1.00 16.14 ? 17 DC  B C5    1 
ATOM   335 C C6    . DC  B 1 7  ? -4.724  -4.273  -0.844  1.00 15.98 ? 17 DC  B C6    1 
ATOM   336 P P     . DC  B 1 8  ? -3.958  -6.595  -6.908  1.00 19.26 ? 18 DC  B P     1 
ATOM   337 O OP1   . DC  B 1 8  ? -3.538  -6.616  -8.358  1.00 18.75 ? 18 DC  B OP1   1 
ATOM   338 O OP2   . DC  B 1 8  ? -5.386  -6.860  -6.518  1.00 19.10 ? 18 DC  B OP2   1 
ATOM   339 O "O5'" . DC  B 1 8  ? -2.774  -7.461  -6.207  1.00 18.16 ? 18 DC  B "O5'" 1 
ATOM   340 C "C5'" . DC  B 1 8  ? -1.496  -6.787  -6.435  1.00 17.47 ? 18 DC  B "C5'" 1 
ATOM   341 C "C4'" . DC  B 1 8  ? -0.460  -7.444  -5.555  1.00 17.13 ? 18 DC  B "C4'" 1 
ATOM   342 O "O4'" . DC  B 1 8  ? -0.779  -7.228  -4.166  1.00 16.95 ? 18 DC  B "O4'" 1 
ATOM   343 C "C3'" . DC  B 1 8  ? -0.347  -8.960  -5.725  1.00 16.97 ? 18 DC  B "C3'" 1 
ATOM   344 O "O3'" . DC  B 1 8  ? 0.996   -9.328  -6.039  1.00 16.73 ? 18 DC  B "O3'" 1 
ATOM   345 C "C2'" . DC  B 1 8  ? -0.838  -9.528  -4.402  1.00 16.66 ? 18 DC  B "C2'" 1 
ATOM   346 C "C1'" . DC  B 1 8  ? -0.474  -8.446  -3.409  1.00 15.91 ? 18 DC  B "C1'" 1 
ATOM   347 N N1    . DC  B 1 8  ? -1.334  -8.361  -2.215  1.00 15.37 ? 18 DC  B N1    1 
ATOM   348 C C2    . DC  B 1 8  ? -0.724  -8.294  -0.941  1.00 14.92 ? 18 DC  B C2    1 
ATOM   349 O O2    . DC  B 1 8  ? 0.494   -8.528  -0.827  1.00 14.46 ? 18 DC  B O2    1 
ATOM   350 N N3    . DC  B 1 8  ? -1.565  -8.114  0.116   1.00 14.66 ? 18 DC  B N3    1 
ATOM   351 C C4    . DC  B 1 8  ? -2.892  -7.985  -0.056  1.00 14.54 ? 18 DC  B C4    1 
ATOM   352 N N4    . DC  B 1 8  ? -3.641  -7.808  1.043   1.00 14.57 ? 18 DC  B N4    1 
ATOM   353 C C5    . DC  B 1 8  ? -3.501  -8.028  -1.341  1.00 14.46 ? 18 DC  B C5    1 
ATOM   354 C C6    . DC  B 1 8  ? -2.689  -8.197  -2.383  1.00 14.79 ? 18 DC  B C6    1 
ATOM   355 P P     . DG  B 1 9  ? 1.398   -10.488 -7.022  1.00 16.77 ? 19 DG  B P     1 
ATOM   356 O OP1   . DG  B 1 9  ? 2.358   -9.906  -8.055  1.00 17.09 ? 19 DG  B OP1   1 
ATOM   357 O OP2   . DG  B 1 9  ? 0.110   -11.125 -7.458  1.00 16.96 ? 19 DG  B OP2   1 
ATOM   358 O "O5'" . DG  B 1 9  ? 2.379   -11.419 -6.111  1.00 14.52 ? 19 DG  B "O5'" 1 
ATOM   359 C "C5'" . DG  B 1 9  ? 3.052   -10.926 -4.925  1.00 12.56 ? 19 DG  B "C5'" 1 
ATOM   360 C "C4'" . DG  B 1 9  ? 3.168   -11.972 -3.863  1.00 11.49 ? 19 DG  B "C4'" 1 
ATOM   361 O "O4'" . DG  B 1 9  ? 2.300   -11.646 -2.759  1.00 10.85 ? 19 DG  B "O4'" 1 
ATOM   362 C "C3'" . DG  B 1 9  ? 2.883   -13.456 -4.148  1.00 11.23 ? 19 DG  B "C3'" 1 
ATOM   363 O "O3'" . DG  B 1 9  ? 3.731   -14.274 -3.299  1.00 11.68 ? 19 DG  B "O3'" 1 
ATOM   364 C "C2'" . DG  B 1 9  ? 1.411   -13.601 -3.734  1.00 10.16 ? 19 DG  B "C2'" 1 
ATOM   365 C "C1'" . DG  B 1 9  ? 1.514   -12.827 -2.418  1.00 9.13  ? 19 DG  B "C1'" 1 
ATOM   366 N N9    . DG  B 1 9  ? 0.225   -12.412 -1.830  1.00 7.66  ? 19 DG  B N9    1 
ATOM   367 C C8    . DG  B 1 9  ? -0.940  -12.178 -2.517  1.00 6.81  ? 19 DG  B C8    1 
ATOM   368 N N7    . DG  B 1 9  ? -1.894  -11.833 -1.715  1.00 6.72  ? 19 DG  B N7    1 
ATOM   369 C C5    . DG  B 1 9  ? -1.310  -11.787 -0.441  1.00 6.27  ? 19 DG  B C5    1 
ATOM   370 C C6    . DG  B 1 9  ? -1.932  -11.449 0.788   1.00 6.02  ? 19 DG  B C6    1 
ATOM   371 O O6    . DG  B 1 9  ? -3.138  -11.120 0.940   1.00 5.51  ? 19 DG  B O6    1 
ATOM   372 N N1    . DG  B 1 9  ? -1.027  -11.542 1.842   1.00 5.72  ? 19 DG  B N1    1 
ATOM   373 C C2    . DG  B 1 9  ? 0.290   -11.922 1.706   1.00 6.03  ? 19 DG  B C2    1 
ATOM   374 N N2    . DG  B 1 9  ? 0.917   -12.012 2.897   1.00 5.64  ? 19 DG  B N2    1 
ATOM   375 N N3    . DG  B 1 9  ? 0.900   -12.221 0.540   1.00 6.23  ? 19 DG  B N3    1 
ATOM   376 C C4    . DG  B 1 9  ? 0.008   -12.143 -0.487  1.00 6.51  ? 19 DG  B C4    1 
ATOM   377 P P     . DG  B 1 10 ? 4.832   -15.313 -3.729  1.00 12.67 ? 20 DG  B P     1 
ATOM   378 O OP1   . DG  B 1 10 ? 5.560   -15.074 -5.049  1.00 12.58 ? 20 DG  B OP1   1 
ATOM   379 O OP2   . DG  B 1 10 ? 4.093   -16.655 -3.777  1.00 12.89 ? 20 DG  B OP2   1 
ATOM   380 O "O5'" . DG  B 1 10 ? 5.829   -15.208 -2.500  1.00 10.46 ? 20 DG  B "O5'" 1 
ATOM   381 C "C5'" . DG  B 1 10 ? 5.560   -14.586 -1.233  1.00 9.38  ? 20 DG  B "C5'" 1 
ATOM   382 C "C4'" . DG  B 1 10 ? 5.495   -15.576 -0.079  1.00 8.24  ? 20 DG  B "C4'" 1 
ATOM   383 O "O4'" . DG  B 1 10 ? 4.245   -15.321 0.609   1.00 7.58  ? 20 DG  B "O4'" 1 
ATOM   384 C "C3'" . DG  B 1 10 ? 5.544   -17.069 -0.341  1.00 7.62  ? 20 DG  B "C3'" 1 
ATOM   385 O "O3'" . DG  B 1 10 ? 6.236   -17.831 0.673   1.00 7.93  ? 20 DG  B "O3'" 1 
ATOM   386 C "C2'" . DG  B 1 10 ? 4.094   -17.465 -0.440  1.00 6.92  ? 20 DG  B "C2'" 1 
ATOM   387 C "C1'" . DG  B 1 10 ? 3.434   -16.512 0.552   1.00 6.29  ? 20 DG  B "C1'" 1 
ATOM   388 N N9    . DG  B 1 10 ? 2.068   -16.109 0.150   1.00 5.51  ? 20 DG  B N9    1 
ATOM   389 C C8    . DG  B 1 10 ? 1.490   -16.098 -1.106  1.00 5.06  ? 20 DG  B C8    1 
ATOM   390 N N7    . DG  B 1 10 ? 0.246   -15.729 -1.081  1.00 4.96  ? 20 DG  B N7    1 
ATOM   391 C C5    . DG  B 1 10 ? -0.028  -15.480 0.255   1.00 4.78  ? 20 DG  B C5    1 
ATOM   392 C C6    . DG  B 1 10 ? -1.251  -15.150 0.882   1.00 4.52  ? 20 DG  B C6    1 
ATOM   393 O O6    . DG  B 1 10 ? -2.326  -14.889 0.340   1.00 4.68  ? 20 DG  B O6    1 
ATOM   394 N N1    . DG  B 1 10 ? -1.132  -15.026 2.251   1.00 4.21  ? 20 DG  B N1    1 
ATOM   395 C C2    . DG  B 1 10 ? 0.039   -15.283 2.942   1.00 4.41  ? 20 DG  B C2    1 
ATOM   396 N N2    . DG  B 1 10 ? -0.059  -15.112 4.265   1.00 4.04  ? 20 DG  B N2    1 
ATOM   397 N N3    . DG  B 1 10 ? 1.182   -15.730 2.403   1.00 4.69  ? 20 DG  B N3    1 
ATOM   398 C C4    . DG  B 1 10 ? 1.079   -15.742 1.040   1.00 4.98  ? 20 DG  B C4    1 
HETATM 399 O O     . HOH C 2 .  ? 5.217   -9.664  0.001   1.00 29.03 ? 21 HOH A O     1 
HETATM 400 O O     . HOH C 2 .  ? 3.090   -6.540  -3.734  1.00 4.70  ? 22 HOH A O     1 
HETATM 401 O O     . HOH C 2 .  ? -4.557  1.371   -5.750  1.00 19.23 ? 27 HOH A O     1 
HETATM 402 O O     . HOH C 2 .  ? -4.098  8.287   -10.077 1.00 4.46  ? 30 HOH A O     1 
HETATM 403 O O     . HOH C 2 .  ? -8.327  -10.361 3.478   1.00 47.97 ? 37 HOH A O     1 
HETATM 404 O O     . HOH C 2 .  ? 2.973   -5.527  13.406  1.00 43.55 ? 39 HOH A O     1 
HETATM 405 O O     . HOH C 2 .  ? 0.948   -4.478  8.820   1.00 48.09 ? 40 HOH A O     1 
HETATM 406 O O     . HOH C 2 .  ? 7.977   -3.709  8.465   1.00 52.77 ? 41 HOH A O     1 
HETATM 407 O O     . HOH C 2 .  ? -2.828  -0.312  -10.826 1.00 24.45 ? 43 HOH A O     1 
HETATM 408 O O     . HOH C 2 .  ? -0.563  2.231   -11.981 1.00 20.74 ? 44 HOH A O     1 
HETATM 409 O O     . HOH C 2 .  ? 3.257   -0.630  -13.224 1.00 52.42 ? 45 HOH A O     1 
HETATM 410 O O     . HOH C 2 .  ? -11.562 8.764   -9.934  1.00 24.42 ? 47 HOH A O     1 
HETATM 411 O O     . HOH C 2 .  ? -10.645 10.665  -7.104  1.00 10.55 ? 48 HOH A O     1 
HETATM 412 O O     . HOH C 2 .  ? -5.456  2.257   -8.969  1.00 23.30 ? 50 HOH A O     1 
HETATM 413 O O     . HOH C 2 .  ? 13.407  -9.623  -5.408  1.00 54.04 ? 52 HOH A O     1 
HETATM 414 O O     . HOH C 2 .  ? -6.674  -10.298 6.402   1.00 17.05 ? 57 HOH A O     1 
HETATM 415 O O     . HOH C 2 .  ? 1.519   -1.398  4.848   1.00 23.65 ? 58 HOH A O     1 
HETATM 416 O O     . HOH C 2 .  ? -3.916  11.250  3.978   1.00 71.61 ? 63 HOH A O     1 
HETATM 417 O O     . HOH C 2 .  ? -5.558  14.236  5.926   1.00 55.85 ? 65 HOH A O     1 
HETATM 418 O O     . HOH C 2 .  ? 6.900   -5.928  11.545  1.00 12.25 ? 67 HOH A O     1 
HETATM 419 O O     . HOH C 2 .  ? 4.952   -3.512  7.468   1.00 23.51 ? 68 HOH A O     1 
HETATM 420 O O     . HOH C 2 .  ? -3.504  12.163  -8.654  1.00 21.08 ? 69 HOH A O     1 
HETATM 421 O O     . HOH C 2 .  ? 9.181   -7.846  14.098  1.00 27.54 ? 70 HOH A O     1 
HETATM 422 O O     . HOH C 2 .  ? -3.231  12.596  0.506   1.00 29.78 ? 72 HOH A O     1 
HETATM 423 O O     . HOH C 2 .  ? -1.013  15.465  -5.769  1.00 9.31  ? 73 HOH A O     1 
HETATM 424 O O     . HOH C 2 .  ? 7.838   -9.478  -3.728  1.00 50.64 ? 77 HOH A O     1 
HETATM 425 O O     . HOH C 2 .  ? -6.808  6.273   -9.373  1.00 37.79 ? 78 HOH A O     1 
HETATM 426 O O     . HOH C 2 .  ? 0.512   -2.131  -10.527 1.00 38.89 ? 81 HOH A O     1 
HETATM 427 O O     . HOH C 2 .  ? 1.381   -11.022 14.566  1.00 22.27 ? 83 HOH A O     1 
HETATM 428 O O     . HOH C 2 .  ? -1.404  11.989  1.761   1.00 31.42 ? 87 HOH A O     1 
HETATM 429 O O     . HOH D 2 .  ? 0.281   -5.019  -3.388  1.00 16.55 ? 23 HOH B O     1 
HETATM 430 O O     . HOH D 2 .  ? 3.609   -7.032  -5.680  1.00 11.77 ? 24 HOH B O     1 
HETATM 431 O O     . HOH D 2 .  ? -0.523  -2.667  -5.908  1.00 3.66  ? 25 HOH B O     1 
HETATM 432 O O     . HOH D 2 .  ? -1.598  -0.702  -4.030  1.00 15.16 ? 26 HOH B O     1 
HETATM 433 O O     . HOH D 2 .  ? -3.554  3.377   -2.892  1.00 6.16  ? 28 HOH B O     1 
HETATM 434 O O     . HOH D 2 .  ? -10.013 6.415   -4.121  1.00 31.42 ? 29 HOH B O     1 
HETATM 435 O O     . HOH D 2 .  ? 12.724  17.073  2.777   1.00 32.57 ? 31 HOH B O     1 
HETATM 436 O O     . HOH D 2 .  ? -5.125  5.551   9.316   1.00 17.77 ? 32 HOH B O     1 
HETATM 437 O O     . HOH D 2 .  ? -4.268  11.058  9.701   1.00 33.17 ? 33 HOH B O     1 
HETATM 438 O O     . HOH D 2 .  ? -5.962  -9.954  -7.127  1.00 27.28 ? 34 HOH B O     1 
HETATM 439 O O     . HOH D 2 .  ? -5.241  4.247   13.172  1.00 26.58 ? 35 HOH B O     1 
HETATM 440 O O     . HOH D 2 .  ? -7.886  -5.547  -7.135  1.00 20.79 ? 36 HOH B O     1 
HETATM 441 O O     . HOH D 2 .  ? -4.509  -14.320 -1.783  1.00 15.17 ? 38 HOH B O     1 
HETATM 442 O O     . HOH D 2 .  ? 2.725   -5.650  -7.754  1.00 17.37 ? 42 HOH B O     1 
HETATM 443 O O     . HOH D 2 .  ? -9.636  2.133   -5.559  1.00 34.16 ? 46 HOH B O     1 
HETATM 444 O O     . HOH D 2 .  ? -12.458 9.492   2.668   1.00 25.25 ? 49 HOH B O     1 
HETATM 445 O O     . HOH D 2 .  ? 1.355   -12.241 -10.479 1.00 30.56 ? 51 HOH B O     1 
HETATM 446 O O     . HOH D 2 .  ? -9.128  -6.671  -12.982 1.00 32.33 ? 53 HOH B O     1 
HETATM 447 O O     . HOH D 2 .  ? -9.218  -4.264  -13.009 1.00 54.32 ? 54 HOH B O     1 
HETATM 448 O O     . HOH D 2 .  ? -7.163  -5.985  -10.230 1.00 35.15 ? 55 HOH B O     1 
HETATM 449 O O     . HOH D 2 .  ? -10.674 -6.905  -3.013  1.00 36.95 ? 56 HOH B O     1 
HETATM 450 O O     . HOH D 2 .  ? -7.411  7.123   -2.805  1.00 23.18 ? 59 HOH B O     1 
HETATM 451 O O     . HOH D 2 .  ? -4.749  6.726   -0.841  1.00 29.35 ? 60 HOH B O     1 
HETATM 452 O O     . HOH D 2 .  ? -5.153  -10.555 -10.381 1.00 30.86 ? 61 HOH B O     1 
HETATM 453 O O     . HOH D 2 .  ? -0.712  12.660  6.531   1.00 31.87 ? 62 HOH B O     1 
HETATM 454 O O     . HOH D 2 .  ? 5.044   13.343  6.139   1.00 35.07 ? 64 HOH B O     1 
HETATM 455 O O     . HOH D 2 .  ? -3.974  9.008   0.554   1.00 10.52 ? 66 HOH B O     1 
HETATM 456 O O     . HOH D 2 .  ? -8.016  9.442   2.003   1.00 48.75 ? 71 HOH B O     1 
HETATM 457 O O     . HOH D 2 .  ? -2.088  -16.533 -2.858  1.00 43.06 ? 74 HOH B O     1 
HETATM 458 O O     . HOH D 2 .  ? 1.654   13.388  -8.162  1.00 37.70 ? 75 HOH B O     1 
HETATM 459 O O     . HOH D 2 .  ? 5.336   3.319   3.525   1.00 40.37 ? 76 HOH B O     1 
HETATM 460 O O     . HOH D 2 .  ? 14.610  19.199  6.139   1.00 40.98 ? 79 HOH B O     1 
HETATM 461 O O     . HOH D 2 .  ? 0.696   -8.443  -10.004 1.00 32.33 ? 80 HOH B O     1 
HETATM 462 O O     . HOH D 2 .  ? 13.956  11.276  -1.096  1.00 31.74 ? 82 HOH B O     1 
HETATM 463 O O     . HOH D 2 .  ? -10.410 7.057   0.538   1.00 28.11 ? 84 HOH B O     1 
HETATM 464 O O     . HOH D 2 .  ? 16.123  18.933  0.357   1.00 46.38 ? 85 HOH B O     1 
HETATM 465 O O     . HOH D 2 .  ? -3.749  -1.551  -8.642  1.00 31.34 ? 86 HOH B O     1 
# 
